data_2DQ3
#
_entry.id   2DQ3
#
_cell.length_a   119.057
_cell.length_b   119.057
_cell.length_c   80.660
_cell.angle_alpha   90.00
_cell.angle_beta   90.00
_cell.angle_gamma   90.00
#
_symmetry.space_group_name_H-M   'P 41'
#
loop_
_entity.id
_entity.type
_entity.pdbx_description
1 polymer 'Seryl-tRNA synthetase'
2 non-polymer "5'-O-(N-(L-SERYL)-SULFAMOYL)ADENOSINE"
3 water water
#
_entity_poly.entity_id   1
_entity_poly.type   'polypeptide(L)'
_entity_poly.pdbx_seq_one_letter_code
;(MSE)IDINLIREKPDYVKERLATRDKELVSLVDKVLELDKRRREIIKRLEALRSERNKLSKEIGKLKREGKDTTEIQNR
VKELKEEIDRLEEELRKVEEELKNTLLWIPNLPHPSVPVGEDEKDNVEVRRWGEPRKFDFEPKPHWEIGERLGILDFKRG
AKLSGSRFTVIAGWGARLERALINF(MSE)LDLHTKKGYKEICPPHLVKPEILIGTGQLPKFEEDLYKCERDNLYLIPTA
EVPLTNLYREEILKEENLPIYLTAYTPCYRREAGAYGKDIRGIIRQHQFDKVELVKIVHPDTSYDELEKLVKDAEEVLQL
LGLPYRVVELCTGDLGFSAAKTYDIEVWFPSQNKYREISSCSNCEDFQARR(MSE)NTRFKDSKTGKNRFVHTLNGSGLA
VGRTLAAILENYQQEDGSVVVPEVLRDYVGTDVIRPE
;
_entity_poly.pdbx_strand_id   A,B
#
loop_
_chem_comp.id
_chem_comp.type
_chem_comp.name
_chem_comp.formula
SSA non-polymer 5'-O-(N-(L-SERYL)-SULFAMOYL)ADENOSINE 'C13 H19 N7 O8 S'
#
# COMPACT_ATOMS: atom_id res chain seq x y z
N MSE A 1 11.99 -7.57 22.31
CA MSE A 1 12.66 -7.12 23.56
C MSE A 1 13.41 -8.26 24.27
O MSE A 1 13.33 -9.42 23.84
CB MSE A 1 11.63 -6.53 24.52
CG MSE A 1 10.45 -7.43 24.77
SE MSE A 1 9.45 -6.99 26.35
CE MSE A 1 10.26 -8.24 27.58
N ILE A 2 14.12 -7.91 25.34
CA ILE A 2 14.87 -8.88 26.12
C ILE A 2 14.31 -8.96 27.53
N ASP A 3 14.68 -10.02 28.22
CA ASP A 3 14.26 -10.33 29.59
C ASP A 3 14.76 -9.29 30.61
N ILE A 4 13.86 -8.84 31.49
CA ILE A 4 14.19 -7.86 32.51
C ILE A 4 15.09 -8.51 33.54
N ASN A 5 14.87 -9.80 33.77
CA ASN A 5 15.67 -10.57 34.72
C ASN A 5 17.10 -10.63 34.21
N LEU A 6 17.25 -10.91 32.93
CA LEU A 6 18.57 -10.99 32.31
C LEU A 6 19.38 -9.73 32.59
N ILE A 7 18.69 -8.60 32.66
CA ILE A 7 19.37 -7.35 32.90
C ILE A 7 19.69 -7.25 34.38
N ARG A 8 18.74 -7.61 35.23
CA ARG A 8 18.92 -7.59 36.68
C ARG A 8 20.04 -8.51 37.12
N GLU A 9 19.98 -9.74 36.63
CA GLU A 9 20.94 -10.79 36.97
C GLU A 9 22.32 -10.65 36.36
N LYS A 10 22.41 -10.09 35.16
CA LYS A 10 23.69 -9.95 34.48
C LYS A 10 23.85 -8.61 33.78
N PRO A 11 23.59 -7.49 34.47
CA PRO A 11 23.73 -6.19 33.82
C PRO A 11 25.09 -5.99 33.17
N ASP A 12 26.12 -6.57 33.79
CA ASP A 12 27.46 -6.47 33.26
C ASP A 12 27.42 -6.88 31.78
N TYR A 13 27.13 -8.16 31.54
CA TYR A 13 27.06 -8.74 30.21
C TYR A 13 26.15 -7.99 29.24
N VAL A 14 24.93 -7.70 29.63
CA VAL A 14 24.04 -6.99 28.73
C VAL A 14 24.72 -5.73 28.21
N LYS A 15 25.40 -5.02 29.09
CA LYS A 15 26.08 -3.79 28.69
C LYS A 15 27.25 -4.00 27.72
N GLU A 16 27.98 -5.11 27.85
CA GLU A 16 29.12 -5.33 26.96
C GLU A 16 28.64 -5.72 25.59
N ARG A 17 27.47 -6.34 25.52
CA ARG A 17 26.95 -6.75 24.23
C ARG A 17 26.27 -5.59 23.54
N LEU A 18 25.50 -4.80 24.26
CA LEU A 18 24.88 -3.65 23.65
C LEU A 18 26.01 -2.74 23.21
N ALA A 19 27.10 -2.77 23.96
CA ALA A 19 28.26 -1.95 23.67
C ALA A 19 28.90 -2.28 22.32
N THR A 20 28.68 -3.50 21.83
CA THR A 20 29.26 -3.88 20.54
C THR A 20 28.42 -3.34 19.40
N ARG A 21 27.28 -2.76 19.76
CA ARG A 21 26.38 -2.16 18.79
C ARG A 21 26.66 -0.67 18.83
N ASP A 22 26.66 -0.12 20.03
CA ASP A 22 26.89 1.31 20.22
C ASP A 22 27.12 1.63 21.70
N LYS A 23 28.29 2.16 22.01
CA LYS A 23 28.63 2.54 23.38
C LYS A 23 27.55 3.40 24.04
N GLU A 24 26.76 4.09 23.22
CA GLU A 24 25.68 4.96 23.72
C GLU A 24 24.48 4.18 24.23
N LEU A 25 24.49 2.87 24.01
CA LEU A 25 23.40 1.99 24.43
C LEU A 25 23.52 1.57 25.89
N VAL A 26 24.75 1.52 26.37
CA VAL A 26 25.02 1.15 27.75
C VAL A 26 24.11 1.92 28.72
N SER A 27 23.77 3.15 28.38
CA SER A 27 22.92 3.99 29.23
C SER A 27 21.54 3.40 29.45
N LEU A 28 21.02 2.74 28.42
CA LEU A 28 19.70 2.12 28.47
C LEU A 28 19.60 1.11 29.57
N VAL A 29 20.71 0.43 29.83
CA VAL A 29 20.71 -0.56 30.89
C VAL A 29 20.62 0.18 32.23
N ASP A 30 21.41 1.24 32.39
CA ASP A 30 21.37 1.96 33.63
C ASP A 30 19.98 2.53 33.91
N LYS A 31 19.32 3.05 32.88
CA LYS A 31 18.00 3.62 33.07
C LYS A 31 16.94 2.61 33.44
N VAL A 32 17.08 1.39 32.93
CA VAL A 32 16.08 0.38 33.26
C VAL A 32 16.33 -0.12 34.68
N LEU A 33 17.60 -0.12 35.09
CA LEU A 33 17.95 -0.56 36.44
C LEU A 33 17.41 0.47 37.45
N GLU A 34 17.70 1.74 37.16
CA GLU A 34 17.26 2.85 38.01
C GLU A 34 15.75 2.83 38.05
N LEU A 35 15.14 2.65 36.89
CA LEU A 35 13.69 2.61 36.81
C LEU A 35 13.17 1.40 37.57
N ASP A 36 13.76 0.23 37.35
CA ASP A 36 13.35 -1.00 38.02
C ASP A 36 13.46 -0.86 39.53
N LYS A 37 14.53 -0.21 39.98
CA LYS A 37 14.76 -0.02 41.41
C LYS A 37 13.63 0.82 42.05
N ARG A 38 13.35 2.00 41.50
CA ARG A 38 12.30 2.82 42.09
C ARG A 38 10.96 2.10 42.09
N ARG A 39 10.78 1.21 41.12
CA ARG A 39 9.56 0.45 41.01
C ARG A 39 9.36 -0.47 42.22
N ARG A 40 10.39 -1.26 42.55
CA ARG A 40 10.29 -2.19 43.66
C ARG A 40 10.39 -1.49 45.00
N GLU A 41 10.88 -0.25 44.96
CA GLU A 41 11.04 0.59 46.15
C GLU A 41 9.68 1.14 46.59
N ILE A 42 8.92 1.60 45.60
CA ILE A 42 7.60 2.13 45.85
C ILE A 42 6.69 1.05 46.40
N ILE A 43 6.82 -0.17 45.87
CA ILE A 43 5.98 -1.25 46.36
C ILE A 43 6.32 -1.59 47.80
N LYS A 44 7.56 -1.33 48.20
CA LYS A 44 7.94 -1.62 49.57
C LYS A 44 7.47 -0.49 50.47
N ARG A 45 7.65 0.73 49.99
CA ARG A 45 7.25 1.91 50.74
C ARG A 45 5.74 1.90 50.92
N LEU A 46 5.04 1.43 49.90
CA LEU A 46 3.59 1.36 49.93
C LEU A 46 3.16 0.25 50.87
N GLU A 47 3.79 -0.91 50.73
CA GLU A 47 3.51 -2.08 51.57
C GLU A 47 3.49 -1.69 53.06
N ALA A 48 4.20 -0.60 53.38
CA ALA A 48 4.29 -0.08 54.74
C ALA A 48 3.14 0.88 55.01
N LEU A 49 3.00 1.89 54.15
CA LEU A 49 1.91 2.85 54.32
C LEU A 49 0.58 2.10 54.40
N ARG A 50 0.46 1.04 53.61
CA ARG A 50 -0.74 0.22 53.60
C ARG A 50 -0.95 -0.36 54.99
N SER A 51 0.12 -0.92 55.55
CA SER A 51 0.06 -1.54 56.88
C SER A 51 -0.20 -0.56 58.01
N GLU A 52 0.38 0.63 57.92
CA GLU A 52 0.19 1.65 58.95
C GLU A 52 -1.24 2.15 58.96
N ARG A 53 -1.76 2.48 57.78
CA ARG A 53 -3.13 2.98 57.70
C ARG A 53 -4.09 1.90 58.20
N ASN A 54 -3.94 0.69 57.67
CA ASN A 54 -4.78 -0.41 58.10
C ASN A 54 -4.70 -0.64 59.60
N LYS A 55 -3.53 -0.39 60.19
CA LYS A 55 -3.37 -0.58 61.62
C LYS A 55 -4.14 0.49 62.36
N LEU A 56 -4.01 1.72 61.89
CA LEU A 56 -4.68 2.85 62.52
C LEU A 56 -6.19 2.86 62.35
N SER A 57 -6.67 2.68 61.13
CA SER A 57 -8.11 2.67 60.92
C SER A 57 -8.71 1.60 61.84
N LYS A 58 -7.94 0.55 62.09
CA LYS A 58 -8.37 -0.55 62.97
C LYS A 58 -8.40 0.00 64.40
N GLU A 59 -7.43 0.87 64.68
CA GLU A 59 -7.30 1.48 66.00
C GLU A 59 -8.26 2.64 66.27
N ILE A 60 -8.85 3.23 65.24
CA ILE A 60 -9.80 4.32 65.44
C ILE A 60 -11.20 3.73 65.39
N GLY A 61 -11.27 2.43 65.10
CA GLY A 61 -12.55 1.75 65.04
C GLY A 61 -12.87 1.13 66.38
N LYS A 62 -11.85 0.58 67.04
CA LYS A 62 -12.00 -0.05 68.35
C LYS A 62 -12.10 1.09 69.37
N LEU A 63 -11.66 2.27 68.94
CA LEU A 63 -11.67 3.45 69.79
C LEU A 63 -13.00 4.17 69.64
N LYS A 64 -13.87 3.67 68.77
CA LYS A 64 -15.19 4.26 68.57
C LYS A 64 -15.94 4.17 69.90
N ARG A 65 -15.63 3.13 70.67
CA ARG A 65 -16.25 2.91 71.98
C ARG A 65 -15.68 3.94 72.95
N GLU A 66 -16.04 5.19 72.67
CA GLU A 66 -15.62 6.37 73.40
C GLU A 66 -14.13 6.61 73.61
N GLY A 67 -13.71 7.73 73.03
CA GLY A 67 -12.34 8.18 73.06
C GLY A 67 -12.36 9.35 72.09
N LYS A 68 -11.43 10.29 72.21
CA LYS A 68 -11.38 11.44 71.31
C LYS A 68 -10.15 11.44 70.42
N ASP A 69 -9.26 10.47 70.63
CA ASP A 69 -8.02 10.36 69.87
C ASP A 69 -8.28 10.42 68.37
N THR A 70 -9.52 10.12 67.99
CA THR A 70 -9.93 10.10 66.58
C THR A 70 -9.82 11.43 65.80
N THR A 71 -8.63 12.04 65.82
CA THR A 71 -8.35 13.27 65.09
C THR A 71 -6.83 13.47 64.95
N GLU A 72 -6.10 13.23 66.04
CA GLU A 72 -4.64 13.34 66.01
C GLU A 72 -4.18 12.08 65.26
N ILE A 73 -5.08 11.10 65.22
CA ILE A 73 -4.85 9.81 64.56
C ILE A 73 -5.60 9.77 63.23
N GLN A 74 -6.82 10.31 63.21
CA GLN A 74 -7.61 10.32 61.99
C GLN A 74 -6.99 11.29 60.99
N ASN A 75 -5.87 11.89 61.37
CA ASN A 75 -5.16 12.80 60.47
C ASN A 75 -3.89 12.08 60.05
N ARG A 76 -3.32 11.30 60.97
CA ARG A 76 -2.13 10.53 60.65
C ARG A 76 -2.56 9.49 59.62
N VAL A 77 -3.85 9.21 59.57
CA VAL A 77 -4.41 8.23 58.63
C VAL A 77 -4.74 8.94 57.32
N LYS A 78 -5.28 10.15 57.42
CA LYS A 78 -5.64 10.93 56.24
C LYS A 78 -4.38 11.45 55.55
N GLU A 79 -3.35 11.77 56.34
CA GLU A 79 -2.07 12.26 55.83
C GLU A 79 -1.40 11.06 55.12
N LEU A 80 -1.61 9.89 55.71
CA LEU A 80 -1.06 8.63 55.24
C LEU A 80 -1.66 8.15 53.92
N LYS A 81 -2.99 8.07 53.85
CA LYS A 81 -3.65 7.63 52.63
C LYS A 81 -3.57 8.66 51.50
N GLU A 82 -3.24 9.91 51.83
CA GLU A 82 -3.14 10.91 50.79
C GLU A 82 -1.81 10.79 50.08
N GLU A 83 -0.94 9.91 50.58
CA GLU A 83 0.36 9.69 49.95
C GLU A 83 0.48 8.31 49.31
N ILE A 84 -0.36 7.36 49.73
CA ILE A 84 -0.29 6.04 49.14
C ILE A 84 -0.77 6.18 47.71
N ASP A 85 -1.78 7.00 47.49
CA ASP A 85 -2.23 7.19 46.12
C ASP A 85 -1.19 8.03 45.37
N ARG A 86 -0.57 8.98 46.07
CA ARG A 86 0.48 9.82 45.46
C ARG A 86 1.53 8.91 44.85
N LEU A 87 1.75 7.77 45.48
CA LEU A 87 2.73 6.82 45.01
C LEU A 87 2.14 5.85 44.01
N GLU A 88 0.92 5.36 44.28
CA GLU A 88 0.25 4.44 43.37
C GLU A 88 0.26 5.09 41.98
N GLU A 89 0.03 6.40 41.98
CA GLU A 89 -0.03 7.23 40.78
C GLU A 89 1.35 7.52 40.19
N GLU A 90 2.38 6.90 40.76
CA GLU A 90 3.77 7.06 40.28
C GLU A 90 4.34 5.67 39.92
N LEU A 91 3.77 4.61 40.50
CA LEU A 91 4.19 3.22 40.24
C LEU A 91 3.61 2.91 38.88
N ARG A 92 2.34 3.31 38.72
CA ARG A 92 1.58 3.18 37.48
C ARG A 92 2.50 3.86 36.48
N LYS A 93 2.81 5.12 36.77
CA LYS A 93 3.65 5.90 35.88
C LYS A 93 5.12 5.43 35.77
N VAL A 94 5.62 4.72 36.77
CA VAL A 94 7.00 4.26 36.69
C VAL A 94 7.07 2.96 35.92
N GLU A 95 6.01 2.18 35.99
CA GLU A 95 5.98 0.94 35.26
C GLU A 95 5.78 1.24 33.78
N GLU A 96 5.15 2.37 33.46
CA GLU A 96 4.94 2.76 32.06
C GLU A 96 6.31 3.01 31.45
N GLU A 97 7.05 3.97 32.00
CA GLU A 97 8.36 4.22 31.44
C GLU A 97 9.29 3.01 31.49
N LEU A 98 8.98 2.02 32.33
CA LEU A 98 9.83 0.83 32.38
C LEU A 98 9.56 0.01 31.14
N LYS A 99 8.28 -0.26 30.91
CA LYS A 99 7.83 -1.02 29.75
C LYS A 99 8.40 -0.44 28.45
N ASN A 100 8.22 0.87 28.24
CA ASN A 100 8.70 1.54 27.04
C ASN A 100 10.22 1.45 26.87
N THR A 101 10.94 1.78 27.94
CA THR A 101 12.39 1.74 27.88
C THR A 101 12.85 0.39 27.37
N LEU A 102 12.21 -0.66 27.88
CA LEU A 102 12.58 -2.01 27.47
C LEU A 102 12.38 -2.22 25.97
N LEU A 103 11.28 -1.69 25.43
CA LEU A 103 11.00 -1.83 24.00
C LEU A 103 11.99 -1.08 23.13
N TRP A 104 12.87 -0.29 23.74
CA TRP A 104 13.87 0.48 22.98
C TRP A 104 15.24 -0.15 22.95
N ILE A 105 15.40 -1.27 23.65
CA ILE A 105 16.69 -1.92 23.66
C ILE A 105 16.82 -2.94 22.54
N PRO A 106 17.88 -2.81 21.73
CA PRO A 106 18.07 -3.77 20.64
C PRO A 106 18.40 -5.16 21.18
N ASN A 107 18.36 -6.13 20.30
CA ASN A 107 18.64 -7.52 20.65
C ASN A 107 20.12 -7.68 20.93
N LEU A 108 20.47 -8.53 21.88
CA LEU A 108 21.88 -8.76 22.19
C LEU A 108 22.46 -9.65 21.08
N PRO A 109 23.50 -9.18 20.41
CA PRO A 109 24.08 -10.02 19.36
C PRO A 109 24.68 -11.29 19.90
N HIS A 110 24.58 -12.33 19.09
CA HIS A 110 25.10 -13.62 19.44
C HIS A 110 26.62 -13.55 19.50
N PRO A 111 27.24 -14.24 20.49
CA PRO A 111 28.70 -14.20 20.59
C PRO A 111 29.44 -14.50 19.28
N SER A 112 28.89 -15.38 18.46
CA SER A 112 29.51 -15.77 17.19
C SER A 112 29.70 -14.61 16.23
N VAL A 113 28.96 -13.53 16.47
CA VAL A 113 29.04 -12.36 15.61
C VAL A 113 30.33 -11.57 15.83
N PRO A 114 31.01 -11.21 14.73
CA PRO A 114 32.25 -10.43 14.79
C PRO A 114 31.93 -9.01 15.22
N VAL A 115 32.86 -8.37 15.95
CA VAL A 115 32.62 -7.01 16.42
C VAL A 115 33.06 -6.00 15.39
N GLY A 116 32.30 -4.93 15.27
CA GLY A 116 32.66 -3.93 14.29
C GLY A 116 31.88 -2.66 14.54
N GLU A 117 32.36 -1.55 13.97
CA GLU A 117 31.72 -0.25 14.14
C GLU A 117 30.71 -0.01 13.02
N ASP A 118 31.01 -0.47 11.81
CA ASP A 118 30.07 -0.30 10.70
C ASP A 118 30.28 -1.29 9.58
N GLU A 119 29.60 -1.05 8.46
CA GLU A 119 29.62 -1.91 7.27
C GLU A 119 30.97 -2.36 6.79
N LYS A 120 31.99 -1.56 7.04
CA LYS A 120 33.36 -1.87 6.61
C LYS A 120 33.91 -3.06 7.38
N ASP A 121 33.30 -3.34 8.53
CA ASP A 121 33.74 -4.41 9.41
C ASP A 121 32.93 -5.70 9.29
N ASN A 122 32.14 -5.80 8.23
CA ASN A 122 31.35 -7.01 7.97
C ASN A 122 32.37 -8.02 7.45
N VAL A 123 32.09 -9.30 7.62
CA VAL A 123 33.00 -10.36 7.19
C VAL A 123 32.45 -11.20 6.06
N GLU A 124 33.16 -11.30 4.95
CA GLU A 124 32.69 -12.11 3.83
C GLU A 124 32.78 -13.60 4.18
N VAL A 125 31.70 -14.36 3.94
CA VAL A 125 31.69 -15.79 4.28
C VAL A 125 31.74 -16.80 3.12
N ARG A 126 31.47 -16.36 1.89
CA ARG A 126 31.51 -17.23 0.69
C ARG A 126 30.96 -16.52 -0.55
N ARG A 127 31.43 -16.93 -1.72
CA ARG A 127 30.99 -16.34 -2.98
C ARG A 127 30.43 -17.40 -3.92
N TRP A 128 29.85 -16.93 -5.02
CA TRP A 128 29.27 -17.82 -6.02
C TRP A 128 29.19 -17.02 -7.30
N GLY A 129 29.59 -17.66 -8.41
CA GLY A 129 29.60 -17.02 -9.72
C GLY A 129 30.77 -16.05 -9.90
N GLU A 130 31.17 -15.83 -11.15
CA GLU A 130 32.27 -14.91 -11.48
C GLU A 130 31.69 -13.74 -12.27
N PRO A 131 31.74 -12.52 -11.71
CA PRO A 131 31.19 -11.36 -12.43
C PRO A 131 31.61 -11.26 -13.88
N ARG A 132 30.62 -11.18 -14.75
CA ARG A 132 30.80 -11.08 -16.19
C ARG A 132 31.86 -10.05 -16.59
N LYS A 133 32.67 -10.42 -17.58
CA LYS A 133 33.69 -9.53 -18.08
C LYS A 133 33.09 -8.82 -19.30
N PHE A 134 33.17 -7.48 -19.32
CA PHE A 134 32.60 -6.71 -20.42
C PHE A 134 33.57 -6.23 -21.51
N ASP A 135 33.22 -6.51 -22.77
CA ASP A 135 34.03 -6.06 -23.91
C ASP A 135 33.44 -4.74 -24.39
N PHE A 136 32.57 -4.17 -23.56
CA PHE A 136 31.94 -2.89 -23.82
C PHE A 136 31.48 -2.35 -22.48
N GLU A 137 31.66 -1.05 -22.26
CA GLU A 137 31.27 -0.43 -20.99
C GLU A 137 29.79 -0.77 -20.72
N PRO A 138 29.52 -1.51 -19.64
CA PRO A 138 28.16 -1.90 -19.29
C PRO A 138 27.34 -0.71 -18.79
N LYS A 139 26.05 -0.70 -19.12
CA LYS A 139 25.18 0.41 -18.70
C LYS A 139 24.39 0.20 -17.42
N PRO A 140 24.06 1.29 -16.70
CA PRO A 140 23.30 1.28 -15.46
C PRO A 140 21.90 0.74 -15.70
N HIS A 141 21.31 0.16 -14.67
CA HIS A 141 19.99 -0.42 -14.82
C HIS A 141 18.93 0.59 -15.19
N TRP A 142 19.11 1.85 -14.77
CA TRP A 142 18.12 2.86 -15.11
C TRP A 142 18.19 3.30 -16.57
N GLU A 143 19.38 3.28 -17.15
CA GLU A 143 19.49 3.68 -18.56
C GLU A 143 18.99 2.61 -19.47
N ILE A 144 19.47 1.40 -19.25
CA ILE A 144 19.02 0.30 -20.08
C ILE A 144 17.50 0.08 -20.00
N GLY A 145 16.89 0.48 -18.90
CA GLY A 145 15.47 0.29 -18.73
C GLY A 145 14.60 1.37 -19.33
N GLU A 146 15.11 2.60 -19.37
CA GLU A 146 14.39 3.75 -19.94
C GLU A 146 14.41 3.65 -21.45
N ARG A 147 15.56 3.23 -21.97
CA ARG A 147 15.77 3.08 -23.39
C ARG A 147 14.90 1.94 -23.90
N LEU A 148 14.54 1.01 -23.02
CA LEU A 148 13.67 -0.11 -23.39
C LEU A 148 12.24 0.25 -23.07
N GLY A 149 12.09 1.37 -22.37
CA GLY A 149 10.79 1.85 -21.95
C GLY A 149 10.09 0.98 -20.92
N ILE A 150 10.85 0.34 -20.04
CA ILE A 150 10.27 -0.53 -19.02
C ILE A 150 10.46 0.01 -17.62
N LEU A 151 11.14 1.15 -17.54
CA LEU A 151 11.41 1.85 -16.28
C LEU A 151 11.07 3.32 -16.55
N ASP A 152 9.94 3.78 -16.06
CA ASP A 152 9.50 5.15 -16.28
C ASP A 152 9.65 5.98 -14.99
N PHE A 153 10.86 6.49 -14.78
CA PHE A 153 11.16 7.28 -13.62
C PHE A 153 10.40 8.60 -13.71
N LYS A 154 10.37 9.18 -14.90
CA LYS A 154 9.66 10.44 -15.11
C LYS A 154 8.22 10.32 -14.66
N ARG A 155 7.48 9.39 -15.23
CA ARG A 155 6.06 9.23 -14.85
C ARG A 155 5.86 8.82 -13.41
N GLY A 156 6.79 8.02 -12.89
CA GLY A 156 6.69 7.61 -11.51
C GLY A 156 6.68 8.85 -10.64
N ALA A 157 7.57 9.79 -10.96
CA ALA A 157 7.66 11.01 -10.17
C ALA A 157 6.47 11.92 -10.41
N LYS A 158 5.94 11.90 -11.63
CA LYS A 158 4.79 12.73 -11.96
C LYS A 158 3.59 12.34 -11.12
N LEU A 159 3.53 11.05 -10.76
CA LEU A 159 2.44 10.50 -9.94
C LEU A 159 2.73 10.44 -8.45
N SER A 160 3.98 10.18 -8.07
CA SER A 160 4.29 10.03 -6.65
C SER A 160 5.46 10.81 -6.05
N GLY A 161 6.22 11.49 -6.90
CA GLY A 161 7.35 12.21 -6.38
C GLY A 161 8.58 11.35 -6.58
N SER A 162 9.67 11.71 -5.91
CA SER A 162 10.87 10.93 -6.12
C SER A 162 10.78 9.56 -5.50
N ARG A 163 11.75 8.73 -5.83
CA ARG A 163 11.83 7.39 -5.29
C ARG A 163 10.64 6.52 -5.63
N PHE A 164 10.03 6.79 -6.77
CA PHE A 164 8.90 6.01 -7.23
C PHE A 164 9.16 5.80 -8.72
N THR A 165 9.03 4.57 -9.17
CA THR A 165 9.27 4.27 -10.58
C THR A 165 8.20 3.33 -11.15
N VAL A 166 7.58 3.68 -12.27
CA VAL A 166 6.59 2.74 -12.85
C VAL A 166 7.33 1.77 -13.75
N ILE A 167 7.08 0.48 -13.57
CA ILE A 167 7.73 -0.53 -14.41
C ILE A 167 6.73 -0.87 -15.51
N ALA A 168 7.17 -1.03 -16.76
CA ALA A 168 6.20 -1.32 -17.80
C ALA A 168 6.56 -2.33 -18.87
N GLY A 169 5.50 -2.92 -19.43
CA GLY A 169 5.65 -3.89 -20.49
C GLY A 169 6.40 -5.13 -20.07
N TRP A 170 7.44 -5.46 -20.84
CA TRP A 170 8.26 -6.62 -20.55
C TRP A 170 8.88 -6.38 -19.19
N GLY A 171 9.09 -5.11 -18.87
CA GLY A 171 9.65 -4.77 -17.59
C GLY A 171 8.74 -5.32 -16.53
N ALA A 172 7.45 -5.02 -16.65
CA ALA A 172 6.50 -5.51 -15.67
C ALA A 172 6.33 -7.03 -15.81
N ARG A 173 6.11 -7.50 -17.02
CA ARG A 173 5.93 -8.92 -17.20
C ARG A 173 7.06 -9.67 -16.50
N LEU A 174 8.28 -9.12 -16.60
CA LEU A 174 9.45 -9.76 -16.00
C LEU A 174 9.35 -9.72 -14.49
N GLU A 175 8.91 -8.58 -13.96
CA GLU A 175 8.78 -8.40 -12.52
C GLU A 175 7.85 -9.46 -11.97
N ARG A 176 6.71 -9.63 -12.61
CA ARG A 176 5.73 -10.61 -12.15
C ARG A 176 6.39 -11.98 -12.18
N ALA A 177 7.04 -12.26 -13.31
CA ALA A 177 7.72 -13.52 -13.52
C ALA A 177 8.58 -13.84 -12.30
N LEU A 178 9.46 -12.90 -11.95
CA LEU A 178 10.37 -13.04 -10.80
C LEU A 178 9.61 -13.50 -9.58
N ILE A 179 8.60 -12.71 -9.22
CA ILE A 179 7.72 -13.00 -8.10
C ILE A 179 7.17 -14.42 -8.14
N ASN A 180 6.70 -14.85 -9.32
CA ASN A 180 6.15 -16.19 -9.50
C ASN A 180 7.24 -17.23 -9.40
N PHE A 181 8.34 -17.02 -10.12
CA PHE A 181 9.45 -17.95 -10.09
C PHE A 181 9.88 -18.21 -8.67
N MSE A 182 10.06 -17.10 -7.95
CA MSE A 182 10.47 -17.05 -6.56
C MSE A 182 9.54 -17.80 -5.60
O MSE A 182 9.98 -18.65 -4.81
CB MSE A 182 10.58 -15.59 -6.14
CG MSE A 182 11.99 -15.07 -6.01
SE MSE A 182 12.05 -13.14 -6.21
CE MSE A 182 12.52 -13.17 -7.99
N LEU A 183 8.26 -17.48 -5.65
CA LEU A 183 7.29 -18.14 -4.78
C LEU A 183 7.19 -19.65 -5.02
N ASP A 184 7.16 -20.05 -6.28
CA ASP A 184 7.05 -21.45 -6.61
C ASP A 184 8.23 -22.21 -6.04
N LEU A 185 9.42 -21.66 -6.22
CA LEU A 185 10.64 -22.30 -5.74
C LEU A 185 10.58 -22.59 -4.23
N HIS A 186 10.19 -21.58 -3.45
CA HIS A 186 10.10 -21.69 -1.99
C HIS A 186 8.93 -22.52 -1.52
N THR A 187 7.80 -22.45 -2.21
CA THR A 187 6.65 -23.24 -1.76
C THR A 187 6.98 -24.72 -1.97
N LYS A 188 7.58 -25.04 -3.10
CA LYS A 188 7.96 -26.41 -3.39
C LYS A 188 8.86 -26.94 -2.28
N LYS A 189 9.66 -26.05 -1.69
CA LYS A 189 10.58 -26.46 -0.65
C LYS A 189 9.91 -26.58 0.70
N GLY A 190 8.67 -26.12 0.82
CA GLY A 190 8.01 -26.26 2.10
C GLY A 190 7.42 -25.05 2.82
N TYR A 191 7.60 -23.86 2.24
CA TYR A 191 7.09 -22.63 2.84
C TYR A 191 5.61 -22.43 2.51
N LYS A 192 4.82 -21.94 3.46
CA LYS A 192 3.38 -21.74 3.21
C LYS A 192 3.11 -20.39 2.57
N GLU A 193 2.62 -20.40 1.36
CA GLU A 193 2.35 -19.15 0.68
C GLU A 193 1.24 -18.49 1.48
N ILE A 194 1.25 -17.17 1.57
CA ILE A 194 0.19 -16.46 2.29
C ILE A 194 0.12 -14.99 1.83
N CYS A 195 -1.09 -14.46 1.64
CA CYS A 195 -1.29 -13.08 1.21
C CYS A 195 -1.77 -12.32 2.44
N PRO A 196 -0.92 -11.43 2.99
CA PRO A 196 -1.28 -10.69 4.19
C PRO A 196 -1.70 -9.26 3.93
N PRO A 197 -2.35 -8.64 4.91
CA PRO A 197 -2.80 -7.25 4.79
C PRO A 197 -1.52 -6.46 4.63
N HIS A 198 -1.64 -5.25 4.06
CA HIS A 198 -0.48 -4.40 3.86
C HIS A 198 -0.49 -3.24 4.83
N LEU A 199 -1.68 -2.95 5.37
CA LEU A 199 -1.87 -1.93 6.39
C LEU A 199 -2.00 -2.74 7.68
N VAL A 200 -1.36 -2.28 8.73
CA VAL A 200 -1.36 -3.05 9.96
C VAL A 200 -1.45 -2.21 11.25
N LYS A 201 -2.02 -2.79 12.31
CA LYS A 201 -2.13 -2.09 13.59
C LYS A 201 -0.74 -1.89 14.15
N PRO A 202 -0.56 -0.94 15.08
CA PRO A 202 0.74 -0.66 15.70
C PRO A 202 1.40 -1.81 16.46
N GLU A 203 0.64 -2.53 17.28
CA GLU A 203 1.20 -3.65 18.04
C GLU A 203 2.09 -4.50 17.15
N ILE A 204 1.58 -4.78 15.96
CA ILE A 204 2.26 -5.61 14.96
C ILE A 204 3.67 -5.12 14.72
N LEU A 205 3.82 -3.83 14.41
CA LEU A 205 5.14 -3.26 14.20
C LEU A 205 5.93 -3.27 15.52
N ILE A 206 5.26 -3.06 16.66
CA ILE A 206 5.99 -3.14 17.93
C ILE A 206 6.47 -4.58 18.07
N GLY A 207 5.65 -5.50 17.59
CA GLY A 207 6.02 -6.91 17.68
C GLY A 207 7.31 -7.32 16.98
N THR A 208 7.52 -6.84 15.76
CA THR A 208 8.70 -7.20 15.01
C THR A 208 9.95 -6.38 15.25
N GLY A 209 9.80 -5.22 15.87
CA GLY A 209 10.98 -4.40 16.12
C GLY A 209 10.88 -3.02 15.51
N GLN A 210 10.20 -2.90 14.38
CA GLN A 210 10.04 -1.61 13.69
C GLN A 210 9.57 -0.49 14.62
N LEU A 211 8.61 -0.79 15.50
CA LEU A 211 8.15 0.20 16.44
C LEU A 211 8.75 -0.14 17.80
N PRO A 212 9.05 0.88 18.64
CA PRO A 212 8.89 2.34 18.49
C PRO A 212 10.05 3.15 17.93
N LYS A 213 11.23 2.56 17.89
CA LYS A 213 12.44 3.25 17.43
C LYS A 213 12.43 3.84 16.02
N PHE A 214 11.88 3.13 15.07
CA PHE A 214 11.88 3.65 13.70
C PHE A 214 10.52 4.12 13.18
N GLU A 215 9.78 4.86 13.98
CA GLU A 215 8.46 5.31 13.54
C GLU A 215 8.53 6.32 12.38
N GLU A 216 9.55 7.17 12.38
CA GLU A 216 9.73 8.17 11.34
C GLU A 216 10.02 7.49 10.00
N ASP A 217 10.25 6.17 10.05
CA ASP A 217 10.58 5.38 8.88
C ASP A 217 9.40 4.70 8.20
N LEU A 218 8.23 4.77 8.82
CA LEU A 218 7.06 4.11 8.29
C LEU A 218 5.96 5.07 7.86
N TYR A 219 5.25 4.76 6.77
CA TYR A 219 4.13 5.61 6.33
C TYR A 219 2.99 5.30 7.29
N LYS A 220 2.31 6.32 7.79
CA LYS A 220 1.21 6.15 8.72
C LYS A 220 -0.08 6.83 8.27
N CYS A 221 -1.23 6.17 8.44
CA CYS A 221 -2.51 6.75 8.06
C CYS A 221 -3.07 7.23 9.38
N GLU A 222 -2.58 8.39 9.82
CA GLU A 222 -2.96 8.94 11.11
C GLU A 222 -4.43 8.88 11.38
N ARG A 223 -5.21 8.95 10.32
CA ARG A 223 -6.66 8.92 10.47
C ARG A 223 -7.21 7.56 10.95
N ASP A 224 -6.61 6.46 10.51
CA ASP A 224 -7.11 5.12 10.87
C ASP A 224 -6.22 4.37 11.83
N ASN A 225 -5.10 4.98 12.16
CA ASN A 225 -4.14 4.35 13.05
C ASN A 225 -3.80 2.94 12.55
N LEU A 226 -3.13 2.93 11.39
CA LEU A 226 -2.67 1.72 10.71
C LEU A 226 -1.43 2.20 9.99
N TYR A 227 -0.40 1.37 9.90
CA TYR A 227 0.82 1.76 9.21
C TYR A 227 0.95 0.83 8.03
N LEU A 228 1.59 1.30 6.96
CA LEU A 228 1.79 0.46 5.78
C LEU A 228 3.00 -0.36 6.19
N ILE A 229 3.04 -1.60 5.76
CA ILE A 229 4.14 -2.47 6.09
C ILE A 229 5.41 -2.23 5.27
N PRO A 230 6.56 -2.27 5.94
CA PRO A 230 7.83 -2.05 5.23
C PRO A 230 8.40 -3.35 4.68
N THR A 231 7.79 -4.48 5.06
CA THR A 231 8.24 -5.79 4.62
C THR A 231 7.22 -6.83 5.00
N ALA A 232 7.14 -7.92 4.24
CA ALA A 232 6.17 -8.96 4.52
C ALA A 232 6.50 -9.57 5.86
N GLU A 233 7.73 -9.35 6.32
CA GLU A 233 8.13 -9.88 7.62
C GLU A 233 7.16 -9.52 8.73
N VAL A 234 6.75 -8.27 8.76
CA VAL A 234 5.83 -7.80 9.79
C VAL A 234 4.52 -8.62 9.87
N PRO A 235 3.68 -8.54 8.84
CA PRO A 235 2.44 -9.30 8.90
C PRO A 235 2.63 -10.79 9.15
N LEU A 236 3.54 -11.41 8.41
CA LEU A 236 3.78 -12.83 8.54
C LEU A 236 4.18 -13.26 9.95
N THR A 237 5.24 -12.65 10.49
CA THR A 237 5.70 -13.05 11.80
C THR A 237 4.66 -12.90 12.89
N ASN A 238 3.90 -11.81 12.88
CA ASN A 238 2.88 -11.57 13.90
C ASN A 238 1.66 -12.43 13.72
N LEU A 239 1.70 -13.35 12.76
CA LEU A 239 0.57 -14.21 12.47
C LEU A 239 0.09 -14.94 13.70
N TYR A 240 1.03 -15.38 14.53
CA TYR A 240 0.67 -16.06 15.76
C TYR A 240 1.06 -15.19 16.98
N ARG A 241 0.37 -14.07 17.13
CA ARG A 241 0.56 -13.15 18.24
C ARG A 241 -0.27 -13.71 19.37
N GLU A 242 0.16 -13.46 20.60
CA GLU A 242 -0.58 -13.90 21.78
C GLU A 242 -1.13 -15.32 21.61
N GLU A 243 -0.27 -16.26 21.24
CA GLU A 243 -0.68 -17.65 21.07
C GLU A 243 0.27 -18.63 21.72
N ILE A 244 -0.22 -19.84 21.96
CA ILE A 244 0.61 -20.89 22.51
C ILE A 244 0.55 -22.01 21.49
N LEU A 245 1.62 -22.19 20.73
CA LEU A 245 1.66 -23.19 19.69
C LEU A 245 2.02 -24.58 20.17
N LYS A 246 1.61 -25.58 19.40
CA LYS A 246 1.88 -26.96 19.72
C LYS A 246 3.23 -27.29 19.15
N GLU A 247 4.14 -27.70 20.00
CA GLU A 247 5.49 -28.03 19.57
C GLU A 247 5.52 -29.00 18.37
N GLU A 248 4.43 -29.72 18.14
CA GLU A 248 4.44 -30.63 16.99
C GLU A 248 4.31 -29.83 15.72
N ASN A 249 3.54 -28.76 15.77
CA ASN A 249 3.32 -27.88 14.61
C ASN A 249 4.63 -27.31 14.12
N LEU A 250 5.49 -26.92 15.06
CA LEU A 250 6.77 -26.37 14.72
C LEU A 250 7.56 -27.37 13.87
N PRO A 251 8.37 -26.87 12.93
CA PRO A 251 8.57 -25.44 12.68
C PRO A 251 7.51 -24.92 11.70
N ILE A 252 7.32 -23.61 11.70
CA ILE A 252 6.36 -23.00 10.78
C ILE A 252 7.09 -22.21 9.72
N TYR A 253 7.05 -22.67 8.47
CA TYR A 253 7.69 -21.98 7.35
C TYR A 253 6.62 -21.34 6.52
N LEU A 254 6.75 -20.05 6.28
CA LEU A 254 5.78 -19.36 5.45
C LEU A 254 6.49 -18.34 4.61
N THR A 255 5.94 -18.10 3.43
CA THR A 255 6.54 -17.17 2.49
C THR A 255 5.46 -16.26 2.00
N ALA A 256 5.85 -15.21 1.28
CA ALA A 256 4.88 -14.28 0.73
C ALA A 256 5.52 -13.18 -0.08
N TYR A 257 4.70 -12.54 -0.92
CA TYR A 257 5.09 -11.43 -1.79
C TYR A 257 4.27 -10.22 -1.37
N THR A 258 4.87 -9.05 -1.23
CA THR A 258 4.08 -7.88 -0.87
C THR A 258 4.76 -6.64 -1.31
N PRO A 259 3.98 -5.60 -1.62
CA PRO A 259 4.65 -4.38 -2.03
C PRO A 259 5.23 -3.85 -0.72
N CYS A 260 6.42 -3.28 -0.74
CA CYS A 260 6.99 -2.77 0.51
C CYS A 260 6.99 -1.25 0.51
N TYR A 261 6.66 -0.65 1.64
CA TYR A 261 6.62 0.79 1.71
C TYR A 261 7.51 1.38 2.79
N ARG A 262 8.51 2.13 2.36
CA ARG A 262 9.43 2.73 3.31
C ARG A 262 9.68 4.21 3.01
N ARG A 263 9.50 5.06 4.03
CA ARG A 263 9.71 6.52 3.94
C ARG A 263 11.15 6.85 3.64
N GLU A 264 12.03 5.88 3.84
CA GLU A 264 13.44 6.04 3.54
C GLU A 264 13.89 7.45 3.91
N ALA A 265 13.50 7.91 5.09
CA ALA A 265 13.84 9.26 5.53
C ALA A 265 15.32 9.49 5.79
N GLY A 266 16.10 8.41 5.84
CA GLY A 266 17.54 8.53 6.06
C GLY A 266 18.36 8.57 4.79
N ALA A 267 18.00 7.75 3.80
CA ALA A 267 18.69 7.68 2.53
C ALA A 267 18.68 9.03 1.78
N TYR A 268 19.62 9.90 2.11
CA TYR A 268 19.71 11.23 1.49
C TYR A 268 20.81 11.26 0.47
N GLY A 269 20.45 11.42 -0.79
CA GLY A 269 21.46 11.49 -1.83
C GLY A 269 21.98 10.13 -2.24
N LYS A 270 21.85 9.16 -1.35
CA LYS A 270 22.31 7.80 -1.59
C LYS A 270 21.39 7.08 -2.58
N ASP A 271 21.97 6.49 -3.62
CA ASP A 271 21.15 5.75 -4.58
C ASP A 271 19.98 6.61 -4.99
N ILE A 272 20.24 7.63 -5.76
CA ILE A 272 19.17 8.49 -6.15
C ILE A 272 18.76 8.23 -7.58
N ARG A 273 19.50 7.39 -8.29
CA ARG A 273 19.18 7.17 -9.69
C ARG A 273 18.49 5.93 -10.24
N GLY A 274 18.54 4.80 -9.58
CA GLY A 274 17.87 3.64 -10.17
C GLY A 274 16.59 3.18 -9.50
N ILE A 275 16.57 1.90 -9.12
CA ILE A 275 15.42 1.33 -8.40
C ILE A 275 15.91 0.52 -7.17
N ILE A 276 17.16 0.72 -6.76
CA ILE A 276 17.71 0.00 -5.63
C ILE A 276 17.27 0.54 -4.28
N ARG A 277 16.70 1.73 -4.26
CA ARG A 277 16.21 2.33 -3.04
C ARG A 277 15.01 3.18 -3.44
N GLN A 278 13.81 2.70 -3.11
CA GLN A 278 12.59 3.37 -3.51
C GLN A 278 11.62 3.35 -2.36
N HIS A 279 10.54 4.13 -2.44
CA HIS A 279 9.56 4.14 -1.36
C HIS A 279 8.67 2.90 -1.46
N GLN A 280 8.63 2.32 -2.66
CA GLN A 280 7.81 1.12 -2.87
C GLN A 280 8.54 0.09 -3.72
N PHE A 281 8.75 -1.11 -3.16
CA PHE A 281 9.43 -2.17 -3.88
C PHE A 281 8.82 -3.54 -3.66
N ASP A 282 8.96 -4.40 -4.65
CA ASP A 282 8.41 -5.74 -4.53
C ASP A 282 9.42 -6.65 -3.83
N LYS A 283 8.94 -7.48 -2.90
CA LYS A 283 9.85 -8.39 -2.21
C LYS A 283 9.17 -9.68 -1.77
N VAL A 284 9.82 -10.81 -2.01
CA VAL A 284 9.32 -12.12 -1.56
C VAL A 284 10.02 -12.51 -0.24
N GLU A 285 9.31 -12.34 0.88
CA GLU A 285 9.87 -12.67 2.19
C GLU A 285 9.93 -14.17 2.48
N LEU A 286 10.64 -14.48 3.55
CA LEU A 286 10.79 -15.84 4.02
C LEU A 286 10.77 -15.67 5.52
N VAL A 287 9.90 -16.41 6.19
CA VAL A 287 9.80 -16.32 7.63
C VAL A 287 9.77 -17.71 8.22
N LYS A 288 10.39 -17.86 9.38
CA LYS A 288 10.44 -19.13 10.09
C LYS A 288 10.14 -18.94 11.57
N ILE A 289 9.12 -19.63 12.08
CA ILE A 289 8.76 -19.62 13.51
C ILE A 289 9.19 -21.04 13.96
N VAL A 290 10.29 -21.13 14.69
CA VAL A 290 10.83 -22.42 15.06
C VAL A 290 11.08 -22.67 16.56
N HIS A 291 11.56 -23.87 16.84
CA HIS A 291 11.88 -24.28 18.19
C HIS A 291 13.30 -23.78 18.48
N PRO A 292 13.48 -23.05 19.58
CA PRO A 292 14.79 -22.50 19.97
C PRO A 292 16.03 -23.29 19.57
N ASP A 293 16.05 -24.57 19.91
CA ASP A 293 17.20 -25.43 19.62
C ASP A 293 17.54 -25.59 18.16
N THR A 294 16.67 -25.15 17.27
CA THR A 294 16.93 -25.27 15.84
C THR A 294 17.14 -23.95 15.12
N SER A 295 16.95 -22.85 15.83
CA SER A 295 17.08 -21.53 15.23
C SER A 295 18.31 -21.32 14.37
N TYR A 296 19.51 -21.36 14.94
CA TYR A 296 20.71 -21.12 14.13
C TYR A 296 20.94 -22.01 12.94
N ASP A 297 20.46 -23.25 13.00
CA ASP A 297 20.64 -24.08 11.84
C ASP A 297 19.61 -23.62 10.82
N GLU A 298 18.40 -23.34 11.29
CA GLU A 298 17.36 -22.88 10.39
C GLU A 298 17.79 -21.61 9.66
N LEU A 299 18.64 -20.85 10.33
CA LEU A 299 19.16 -19.61 9.78
C LEU A 299 20.01 -20.00 8.59
N GLU A 300 20.96 -20.88 8.83
CA GLU A 300 21.83 -21.32 7.75
C GLU A 300 20.99 -21.86 6.61
N LYS A 301 19.97 -22.65 6.90
CA LYS A 301 19.16 -23.17 5.81
C LYS A 301 18.54 -22.03 5.06
N LEU A 302 17.90 -21.11 5.78
CA LEU A 302 17.26 -19.95 5.18
C LEU A 302 18.16 -19.18 4.22
N VAL A 303 19.42 -18.98 4.60
CA VAL A 303 20.35 -18.27 3.73
C VAL A 303 20.58 -19.05 2.44
N LYS A 304 20.61 -20.36 2.54
CA LYS A 304 20.78 -21.17 1.35
C LYS A 304 19.50 -21.11 0.48
N ASP A 305 18.34 -21.10 1.11
CA ASP A 305 17.07 -21.04 0.37
C ASP A 305 17.07 -19.84 -0.51
N ALA A 306 17.72 -18.77 -0.02
CA ALA A 306 17.82 -17.52 -0.74
C ALA A 306 18.90 -17.63 -1.80
N GLU A 307 20.07 -18.11 -1.44
CA GLU A 307 21.12 -18.21 -2.46
C GLU A 307 20.56 -18.91 -3.70
N GLU A 308 19.88 -20.04 -3.50
CA GLU A 308 19.30 -20.81 -4.60
C GLU A 308 18.62 -19.94 -5.67
N VAL A 309 17.85 -18.95 -5.23
CA VAL A 309 17.19 -18.07 -6.18
C VAL A 309 18.26 -17.50 -7.07
N LEU A 310 19.26 -16.85 -6.48
CA LEU A 310 20.34 -16.24 -7.25
C LEU A 310 21.11 -17.17 -8.17
N GLN A 311 21.40 -18.38 -7.72
CA GLN A 311 22.12 -19.33 -8.57
C GLN A 311 21.24 -19.74 -9.73
N LEU A 312 20.04 -20.20 -9.42
CA LEU A 312 19.10 -20.61 -10.45
C LEU A 312 19.00 -19.55 -11.53
N LEU A 313 19.16 -18.29 -11.11
CA LEU A 313 19.08 -17.13 -12.00
C LEU A 313 20.35 -16.79 -12.76
N GLY A 314 21.47 -17.33 -12.32
CA GLY A 314 22.72 -17.04 -13.00
C GLY A 314 23.29 -15.67 -12.64
N LEU A 315 23.03 -15.22 -11.42
CA LEU A 315 23.53 -13.93 -10.95
C LEU A 315 24.60 -14.14 -9.87
N PRO A 316 25.85 -13.79 -10.18
CA PRO A 316 26.95 -13.95 -9.22
C PRO A 316 26.77 -13.13 -7.95
N TYR A 317 27.15 -13.71 -6.82
CA TYR A 317 26.99 -12.99 -5.56
C TYR A 317 28.00 -13.45 -4.51
N ARG A 318 27.86 -12.87 -3.32
CA ARG A 318 28.68 -13.25 -2.17
C ARG A 318 27.82 -13.07 -0.93
N VAL A 319 28.18 -13.80 0.13
CA VAL A 319 27.47 -13.74 1.40
C VAL A 319 28.33 -13.04 2.47
N VAL A 320 27.69 -12.15 3.21
CA VAL A 320 28.36 -11.36 4.22
C VAL A 320 27.70 -11.50 5.59
N GLU A 321 28.47 -11.74 6.64
CA GLU A 321 27.94 -11.81 7.99
C GLU A 321 28.09 -10.40 8.54
N LEU A 322 26.99 -9.81 8.98
CA LEU A 322 27.03 -8.45 9.51
C LEU A 322 27.63 -8.35 10.91
N CYS A 323 28.51 -7.38 11.13
CA CYS A 323 29.13 -7.20 12.44
C CYS A 323 28.18 -6.50 13.40
N THR A 324 28.51 -6.59 14.66
CA THR A 324 27.71 -6.01 15.71
C THR A 324 27.25 -4.58 15.46
N GLY A 325 28.17 -3.75 15.00
CA GLY A 325 27.81 -2.37 14.76
C GLY A 325 26.87 -2.17 13.61
N ASP A 326 26.70 -3.20 12.78
CA ASP A 326 25.82 -3.10 11.60
C ASP A 326 24.54 -3.92 11.69
N LEU A 327 24.45 -4.75 12.72
CA LEU A 327 23.36 -5.68 12.96
C LEU A 327 21.87 -5.43 12.69
N GLY A 328 21.27 -4.39 13.22
CA GLY A 328 19.85 -4.24 12.93
C GLY A 328 19.08 -4.57 14.18
N PHE A 329 18.21 -3.66 14.59
CA PHE A 329 17.45 -3.79 15.82
C PHE A 329 17.02 -5.16 16.33
N SER A 330 16.25 -5.88 15.53
CA SER A 330 15.76 -7.21 15.94
C SER A 330 16.72 -8.37 15.84
N ALA A 331 17.68 -8.29 14.93
CA ALA A 331 18.60 -9.38 14.73
C ALA A 331 19.56 -9.70 15.87
N ALA A 332 19.90 -10.99 15.96
CA ALA A 332 20.86 -11.48 16.94
C ALA A 332 22.09 -11.92 16.12
N LYS A 333 21.85 -12.24 14.86
CA LYS A 333 22.89 -12.66 13.93
C LYS A 333 22.31 -12.57 12.54
N THR A 334 23.08 -12.08 11.57
CA THR A 334 22.50 -12.01 10.25
C THR A 334 23.43 -11.92 9.08
N TYR A 335 23.04 -12.60 8.01
CA TYR A 335 23.81 -12.60 6.78
C TYR A 335 23.06 -11.77 5.74
N ASP A 336 23.83 -11.08 4.92
CA ASP A 336 23.30 -10.27 3.84
C ASP A 336 23.81 -10.92 2.57
N ILE A 337 22.95 -11.03 1.56
CA ILE A 337 23.40 -11.56 0.29
C ILE A 337 23.57 -10.32 -0.55
N GLU A 338 24.68 -10.25 -1.28
CA GLU A 338 24.97 -9.08 -2.12
C GLU A 338 25.17 -9.53 -3.55
N VAL A 339 24.43 -8.96 -4.47
CA VAL A 339 24.59 -9.37 -5.86
C VAL A 339 25.52 -8.40 -6.61
N TRP A 340 26.04 -8.88 -7.75
CA TRP A 340 26.95 -8.07 -8.53
C TRP A 340 26.25 -7.10 -9.44
N PHE A 341 26.66 -5.85 -9.40
CA PHE A 341 26.12 -4.79 -10.25
C PHE A 341 27.28 -4.28 -11.10
N PRO A 342 27.41 -4.78 -12.34
CA PRO A 342 28.51 -4.34 -13.21
C PRO A 342 28.61 -2.81 -13.26
N SER A 343 27.52 -2.16 -13.62
CA SER A 343 27.48 -0.71 -13.68
C SER A 343 28.17 -0.01 -12.52
N GLN A 344 28.16 -0.62 -11.33
CA GLN A 344 28.78 -0.02 -10.13
C GLN A 344 30.09 -0.67 -9.75
N ASN A 345 30.45 -1.71 -10.48
CA ASN A 345 31.68 -2.41 -10.18
C ASN A 345 31.72 -2.82 -8.73
N LYS A 346 30.63 -3.37 -8.21
CA LYS A 346 30.59 -3.82 -6.82
C LYS A 346 29.36 -4.68 -6.51
N TYR A 347 29.42 -5.39 -5.39
CA TYR A 347 28.32 -6.24 -4.95
C TYR A 347 27.42 -5.38 -4.08
N ARG A 348 26.11 -5.60 -4.14
CA ARG A 348 25.16 -4.81 -3.32
C ARG A 348 24.01 -5.59 -2.73
N GLU A 349 23.68 -5.28 -1.48
CA GLU A 349 22.61 -5.94 -0.70
C GLU A 349 21.37 -6.29 -1.51
N ILE A 350 21.05 -7.58 -1.56
CA ILE A 350 19.85 -8.03 -2.27
C ILE A 350 19.00 -8.90 -1.34
N SER A 351 19.53 -9.18 -0.16
CA SER A 351 18.83 -9.99 0.80
C SER A 351 19.47 -9.86 2.16
N SER A 352 18.63 -10.01 3.19
CA SER A 352 19.09 -9.90 4.57
C SER A 352 18.43 -10.99 5.42
N CYS A 353 19.16 -12.06 5.66
CA CYS A 353 18.67 -13.18 6.44
C CYS A 353 19.20 -13.15 7.86
N SER A 354 18.28 -13.07 8.81
CA SER A 354 18.62 -12.97 10.23
C SER A 354 17.86 -13.88 11.16
N ASN A 355 18.46 -14.14 12.32
CA ASN A 355 17.85 -14.96 13.34
C ASN A 355 17.59 -13.99 14.47
N CYS A 356 16.44 -14.09 15.12
CA CYS A 356 16.11 -13.18 16.16
C CYS A 356 15.92 -13.88 17.48
N GLU A 357 16.28 -15.15 17.52
CA GLU A 357 16.08 -15.91 18.75
C GLU A 357 14.68 -15.60 19.33
N ASP A 358 14.61 -15.20 20.59
CA ASP A 358 13.32 -14.93 21.21
C ASP A 358 12.91 -13.46 21.24
N PHE A 359 13.74 -12.60 20.69
CA PHE A 359 13.49 -11.17 20.68
C PHE A 359 12.08 -10.81 20.23
N GLN A 360 11.77 -11.06 18.97
CA GLN A 360 10.47 -10.74 18.43
C GLN A 360 9.37 -11.52 19.15
N ALA A 361 9.66 -12.77 19.45
CA ALA A 361 8.70 -13.65 20.14
C ALA A 361 8.24 -13.07 21.47
N ARG A 362 9.18 -12.40 22.15
CA ARG A 362 8.94 -11.78 23.45
C ARG A 362 7.98 -10.62 23.43
N ARG A 363 8.16 -9.67 22.50
CA ARG A 363 7.29 -8.49 22.43
C ARG A 363 6.00 -8.74 21.71
N MSE A 364 5.89 -9.93 21.15
CA MSE A 364 4.73 -10.34 20.39
C MSE A 364 3.95 -11.38 21.20
O MSE A 364 2.77 -11.59 21.00
CB MSE A 364 5.27 -10.93 19.10
CG MSE A 364 4.33 -11.24 17.99
SE MSE A 364 5.51 -11.76 16.53
CE MSE A 364 5.99 -13.54 17.14
N ASN A 365 4.65 -12.03 22.13
CA ASN A 365 4.07 -13.05 22.99
C ASN A 365 3.63 -14.28 22.22
N THR A 366 4.59 -14.96 21.61
CA THR A 366 4.31 -16.19 20.86
C THR A 366 5.18 -17.26 21.53
N ARG A 367 4.54 -18.19 22.24
CA ARG A 367 5.24 -19.25 22.96
C ARG A 367 4.76 -20.61 22.49
N PHE A 368 5.29 -21.66 23.13
CA PHE A 368 4.88 -23.03 22.80
C PHE A 368 5.02 -23.92 24.01
N LYS A 369 4.14 -24.92 24.09
CA LYS A 369 4.14 -25.90 25.18
C LYS A 369 4.99 -27.07 24.66
N ASP A 370 6.18 -27.28 25.22
CA ASP A 370 7.05 -28.34 24.72
C ASP A 370 6.88 -29.74 25.32
N SER A 371 7.08 -30.74 24.46
CA SER A 371 6.95 -32.14 24.83
C SER A 371 7.70 -32.53 26.08
N LYS A 372 8.55 -31.64 26.59
CA LYS A 372 9.31 -31.95 27.79
C LYS A 372 8.67 -31.30 29.03
N THR A 373 9.38 -30.32 29.57
CA THR A 373 8.97 -29.58 30.76
C THR A 373 7.47 -29.33 30.92
N GLY A 374 6.75 -29.24 29.80
CA GLY A 374 5.32 -28.99 29.85
C GLY A 374 4.98 -27.52 30.00
N LYS A 375 5.95 -26.72 30.42
CA LYS A 375 5.76 -25.27 30.59
C LYS A 375 5.85 -24.51 29.26
N ASN A 376 5.43 -23.25 29.28
CA ASN A 376 5.44 -22.39 28.09
C ASN A 376 6.82 -21.78 27.81
N ARG A 377 7.24 -21.83 26.55
CA ARG A 377 8.54 -21.28 26.15
C ARG A 377 8.36 -20.38 24.94
N PHE A 378 9.06 -19.25 24.92
CA PHE A 378 8.98 -18.33 23.79
C PHE A 378 9.63 -19.01 22.57
N VAL A 379 9.04 -18.81 21.39
CA VAL A 379 9.55 -19.39 20.15
C VAL A 379 10.71 -18.58 19.59
N HIS A 380 11.27 -19.03 18.48
CA HIS A 380 12.33 -18.29 17.83
C HIS A 380 11.86 -17.86 16.44
N THR A 381 12.23 -16.66 16.02
CA THR A 381 11.81 -16.19 14.72
C THR A 381 13.00 -15.90 13.83
N LEU A 382 12.79 -16.08 12.53
CA LEU A 382 13.81 -15.83 11.52
C LEU A 382 13.08 -15.26 10.31
N ASN A 383 13.81 -14.51 9.48
CA ASN A 383 13.24 -13.91 8.30
C ASN A 383 14.41 -13.56 7.42
N GLY A 384 14.14 -13.48 6.13
CA GLY A 384 15.19 -13.16 5.18
C GLY A 384 14.54 -12.91 3.85
N SER A 385 15.22 -12.15 3.00
CA SER A 385 14.71 -11.82 1.68
C SER A 385 14.86 -12.98 0.69
N GLY A 386 13.73 -13.54 0.27
CA GLY A 386 13.73 -14.61 -0.70
C GLY A 386 13.82 -13.89 -2.04
N LEU A 387 14.69 -12.89 -2.00
CA LEU A 387 15.07 -11.94 -3.03
C LEU A 387 14.06 -10.81 -3.18
N ALA A 388 14.57 -9.59 -2.96
CA ALA A 388 13.78 -8.38 -3.08
C ALA A 388 13.66 -8.25 -4.61
N VAL A 389 12.43 -8.29 -5.10
CA VAL A 389 12.23 -8.30 -6.53
C VAL A 389 12.93 -7.18 -7.26
N GLY A 390 12.60 -5.94 -6.92
CA GLY A 390 13.18 -4.78 -7.57
C GLY A 390 14.68 -4.89 -7.86
N ARG A 391 15.47 -5.11 -6.83
CA ARG A 391 16.90 -5.23 -7.01
C ARG A 391 17.31 -6.39 -7.93
N THR A 392 16.57 -7.49 -7.91
CA THR A 392 16.92 -8.62 -8.75
C THR A 392 16.72 -8.18 -10.18
N LEU A 393 15.59 -7.53 -10.44
CA LEU A 393 15.28 -7.02 -11.77
C LEU A 393 16.49 -6.21 -12.25
N ALA A 394 16.84 -5.19 -11.47
CA ALA A 394 17.98 -4.35 -11.79
C ALA A 394 19.21 -5.20 -12.04
N ALA A 395 19.40 -6.24 -11.25
CA ALA A 395 20.56 -7.10 -11.43
C ALA A 395 20.48 -7.73 -12.80
N ILE A 396 19.31 -8.28 -13.08
CA ILE A 396 19.04 -8.94 -14.34
C ILE A 396 19.30 -7.99 -15.51
N LEU A 397 18.73 -6.80 -15.44
CA LEU A 397 18.94 -5.83 -16.49
C LEU A 397 20.42 -5.55 -16.76
N GLU A 398 21.25 -5.54 -15.73
CA GLU A 398 22.67 -5.25 -15.91
C GLU A 398 23.58 -6.42 -16.25
N ASN A 399 23.37 -7.57 -15.65
CA ASN A 399 24.24 -8.71 -15.94
C ASN A 399 23.89 -9.44 -17.21
N TYR A 400 22.73 -9.14 -17.78
CA TYR A 400 22.30 -9.81 -19.01
C TYR A 400 22.09 -8.84 -20.17
N GLN A 401 22.67 -7.65 -20.04
CA GLN A 401 22.55 -6.62 -21.06
C GLN A 401 23.44 -6.90 -22.29
N GLN A 402 23.11 -6.28 -23.42
CA GLN A 402 23.86 -6.47 -24.65
C GLN A 402 24.25 -5.11 -25.20
N GLU A 403 25.32 -5.05 -25.98
CA GLU A 403 25.80 -3.79 -26.53
C GLU A 403 24.70 -2.94 -27.14
N ASP A 404 23.79 -3.57 -27.87
CA ASP A 404 22.72 -2.84 -28.51
C ASP A 404 21.69 -2.31 -27.53
N GLY A 405 21.64 -2.86 -26.32
CA GLY A 405 20.68 -2.38 -25.35
C GLY A 405 19.63 -3.38 -24.90
N SER A 406 19.41 -4.43 -25.67
CA SER A 406 18.42 -5.44 -25.30
C SER A 406 18.94 -6.12 -24.04
N VAL A 407 18.12 -6.99 -23.45
CA VAL A 407 18.50 -7.72 -22.23
C VAL A 407 18.04 -9.18 -22.40
N VAL A 408 18.98 -10.13 -22.25
CA VAL A 408 18.68 -11.56 -22.41
C VAL A 408 17.98 -12.09 -21.17
N VAL A 409 16.77 -12.60 -21.32
CA VAL A 409 16.03 -13.12 -20.18
C VAL A 409 16.65 -14.41 -19.69
N PRO A 410 16.90 -14.52 -18.36
CA PRO A 410 17.50 -15.72 -17.75
C PRO A 410 16.74 -17.00 -18.08
N GLU A 411 17.49 -18.04 -18.44
CA GLU A 411 16.94 -19.34 -18.83
C GLU A 411 15.79 -19.89 -18.02
N VAL A 412 15.68 -19.55 -16.74
CA VAL A 412 14.58 -20.09 -15.95
C VAL A 412 13.38 -19.18 -15.79
N LEU A 413 13.46 -17.98 -16.34
CA LEU A 413 12.33 -17.05 -16.25
C LEU A 413 11.53 -17.03 -17.56
N ARG A 414 12.15 -17.53 -18.62
CA ARG A 414 11.56 -17.58 -19.95
C ARG A 414 10.19 -18.22 -19.98
N ASP A 415 10.06 -19.36 -19.30
CA ASP A 415 8.80 -20.06 -19.25
C ASP A 415 7.80 -19.19 -18.51
N TYR A 416 8.28 -18.24 -17.72
CA TYR A 416 7.35 -17.37 -17.00
C TYR A 416 7.05 -16.07 -17.76
N VAL A 417 8.06 -15.50 -18.40
CA VAL A 417 7.89 -14.24 -19.08
C VAL A 417 7.24 -14.32 -20.45
N GLY A 418 7.87 -15.07 -21.33
CA GLY A 418 7.40 -15.18 -22.69
C GLY A 418 8.66 -15.21 -23.53
N THR A 419 9.18 -14.05 -23.93
CA THR A 419 10.43 -13.98 -24.73
C THR A 419 11.66 -14.53 -24.03
N ASP A 420 12.74 -14.70 -24.80
CA ASP A 420 14.01 -15.19 -24.31
C ASP A 420 14.96 -14.00 -24.22
N VAL A 421 14.56 -12.90 -24.85
CA VAL A 421 15.32 -11.64 -24.85
C VAL A 421 14.38 -10.51 -25.21
N ILE A 422 14.42 -9.43 -24.46
CA ILE A 422 13.54 -8.29 -24.72
C ILE A 422 14.25 -7.10 -25.30
N ARG A 423 14.14 -6.96 -26.61
CA ARG A 423 14.79 -5.88 -27.31
C ARG A 423 13.96 -4.61 -27.33
N PRO A 424 14.58 -3.47 -27.66
CA PRO A 424 13.92 -2.17 -27.73
C PRO A 424 12.50 -2.16 -28.28
N GLU A 425 11.53 -2.14 -27.36
CA GLU A 425 10.05 -2.11 -27.58
C GLU A 425 9.46 -2.52 -28.94
N MSE B 1 -13.85 16.67 -15.26
CA MSE B 1 -14.77 17.83 -15.42
C MSE B 1 -15.23 18.06 -16.87
O MSE B 1 -14.76 17.38 -17.80
CB MSE B 1 -14.10 19.10 -14.89
CG MSE B 1 -12.64 19.26 -15.30
SE MSE B 1 -11.97 21.06 -15.19
CE MSE B 1 -12.55 21.50 -13.39
N ILE B 2 -16.17 18.98 -17.05
CA ILE B 2 -16.70 19.33 -18.37
C ILE B 2 -16.34 20.78 -18.67
N ASP B 3 -16.43 21.19 -19.93
CA ASP B 3 -16.05 22.57 -20.24
C ASP B 3 -17.10 23.56 -19.83
N ILE B 4 -16.59 24.72 -19.42
CA ILE B 4 -17.43 25.80 -18.95
C ILE B 4 -18.19 26.46 -20.08
N ASN B 5 -17.72 26.27 -21.32
CA ASN B 5 -18.42 26.86 -22.46
C ASN B 5 -19.71 26.09 -22.59
N LEU B 6 -19.61 24.77 -22.50
CA LEU B 6 -20.76 23.88 -22.59
C LEU B 6 -21.80 24.36 -21.60
N ILE B 7 -21.31 24.85 -20.46
CA ILE B 7 -22.20 25.34 -19.41
C ILE B 7 -22.88 26.64 -19.83
N ARG B 8 -22.11 27.64 -20.24
CA ARG B 8 -22.71 28.92 -20.63
C ARG B 8 -23.42 28.90 -21.97
N GLU B 9 -23.08 27.93 -22.83
CA GLU B 9 -23.71 27.82 -24.15
C GLU B 9 -25.02 27.03 -24.13
N LYS B 10 -25.22 26.21 -23.12
CA LYS B 10 -26.46 25.43 -23.05
C LYS B 10 -26.74 25.01 -21.60
N PRO B 11 -26.74 25.97 -20.66
CA PRO B 11 -27.00 25.72 -19.23
C PRO B 11 -28.25 24.87 -19.04
N ASP B 12 -29.16 25.01 -20.00
CA ASP B 12 -30.40 24.26 -20.00
C ASP B 12 -30.01 22.78 -19.89
N TYR B 13 -29.46 22.25 -20.97
CA TYR B 13 -29.03 20.86 -21.07
C TYR B 13 -28.28 20.38 -19.84
N VAL B 14 -27.23 21.10 -19.48
CA VAL B 14 -26.44 20.73 -18.33
C VAL B 14 -27.32 20.44 -17.14
N LYS B 15 -28.17 21.39 -16.77
CA LYS B 15 -29.07 21.25 -15.61
C LYS B 15 -30.03 20.05 -15.69
N GLU B 16 -30.48 19.69 -16.90
CA GLU B 16 -31.40 18.56 -17.05
C GLU B 16 -30.64 17.24 -16.90
N ARG B 17 -29.39 17.22 -17.35
CA ARG B 17 -28.59 15.99 -17.24
C ARG B 17 -28.19 15.74 -15.80
N LEU B 18 -27.70 16.77 -15.11
CA LEU B 18 -27.31 16.61 -13.71
C LEU B 18 -28.54 16.28 -12.92
N ALA B 19 -29.67 16.75 -13.42
CA ALA B 19 -30.94 16.53 -12.77
C ALA B 19 -31.24 15.03 -12.76
N THR B 20 -30.69 14.28 -13.72
CA THR B 20 -30.94 12.85 -13.77
C THR B 20 -30.13 12.14 -12.71
N ARG B 21 -29.09 12.80 -12.23
CA ARG B 21 -28.24 12.21 -11.18
C ARG B 21 -28.75 12.62 -9.81
N ASP B 22 -29.10 13.90 -9.68
CA ASP B 22 -29.57 14.44 -8.41
C ASP B 22 -30.07 15.84 -8.72
N LYS B 23 -31.32 16.16 -8.37
CA LYS B 23 -31.83 17.49 -8.67
C LYS B 23 -31.18 18.57 -7.82
N GLU B 24 -30.38 18.14 -6.85
CA GLU B 24 -29.68 19.07 -5.96
C GLU B 24 -28.40 19.54 -6.64
N LEU B 25 -28.14 19.02 -7.83
CA LEU B 25 -26.95 19.39 -8.58
C LEU B 25 -27.19 20.65 -9.40
N VAL B 26 -28.42 20.81 -9.87
CA VAL B 26 -28.78 21.96 -10.68
C VAL B 26 -28.21 23.28 -10.13
N SER B 27 -28.11 23.39 -8.82
CA SER B 27 -27.57 24.62 -8.23
C SER B 27 -26.13 24.87 -8.61
N LEU B 28 -25.34 23.81 -8.71
CA LEU B 28 -23.93 23.93 -9.05
C LEU B 28 -23.77 24.72 -10.35
N VAL B 29 -24.65 24.43 -11.30
CA VAL B 29 -24.61 25.10 -12.59
C VAL B 29 -24.85 26.59 -12.39
N ASP B 30 -25.73 26.95 -11.48
CA ASP B 30 -26.01 28.35 -11.25
C ASP B 30 -24.81 29.03 -10.61
N LYS B 31 -24.14 28.34 -9.68
CA LYS B 31 -23.00 28.90 -9.00
C LYS B 31 -21.82 29.16 -9.95
N VAL B 32 -21.62 28.30 -10.94
CA VAL B 32 -20.52 28.51 -11.88
C VAL B 32 -20.85 29.65 -12.84
N LEU B 33 -22.12 29.80 -13.18
CA LEU B 33 -22.54 30.87 -14.06
C LEU B 33 -22.45 32.20 -13.29
N GLU B 34 -23.00 32.24 -12.07
CA GLU B 34 -22.95 33.47 -11.28
C GLU B 34 -21.50 33.83 -11.01
N LEU B 35 -20.63 32.83 -10.94
CA LEU B 35 -19.22 33.09 -10.71
C LEU B 35 -18.50 33.45 -11.99
N ASP B 36 -18.87 32.81 -13.09
CA ASP B 36 -18.24 33.11 -14.37
C ASP B 36 -18.59 34.56 -14.73
N LYS B 37 -19.81 34.99 -14.40
CA LYS B 37 -20.23 36.36 -14.72
C LYS B 37 -19.40 37.37 -13.95
N ARG B 38 -19.36 37.23 -12.62
CA ARG B 38 -18.59 38.15 -11.80
C ARG B 38 -17.15 38.22 -12.30
N ARG B 39 -16.65 37.12 -12.86
CA ARG B 39 -15.29 37.09 -13.34
C ARG B 39 -15.11 37.84 -14.66
N ARG B 40 -16.02 37.60 -15.61
CA ARG B 40 -15.95 38.24 -16.92
C ARG B 40 -16.11 39.76 -16.79
N GLU B 41 -16.77 40.17 -15.73
CA GLU B 41 -16.96 41.59 -15.48
C GLU B 41 -15.64 42.18 -15.02
N ILE B 42 -14.99 41.52 -14.08
CA ILE B 42 -13.71 41.97 -13.54
C ILE B 42 -12.64 42.09 -14.60
N ILE B 43 -12.56 41.10 -15.49
CA ILE B 43 -11.53 41.11 -16.53
C ILE B 43 -11.76 42.26 -17.50
N LYS B 44 -13.02 42.54 -17.78
CA LYS B 44 -13.30 43.62 -18.70
C LYS B 44 -13.00 44.94 -18.00
N ARG B 45 -13.53 45.14 -16.81
CA ARG B 45 -13.26 46.40 -16.14
C ARG B 45 -11.77 46.55 -15.93
N LEU B 46 -11.08 45.45 -15.66
CA LEU B 46 -9.66 45.48 -15.45
C LEU B 46 -8.95 45.92 -16.72
N GLU B 47 -9.29 45.30 -17.84
CA GLU B 47 -8.68 45.65 -19.12
C GLU B 47 -8.85 47.14 -19.41
N ALA B 48 -9.88 47.73 -18.84
CA ALA B 48 -10.14 49.15 -19.01
C ALA B 48 -9.21 49.95 -18.12
N LEU B 49 -9.23 49.67 -16.82
CA LEU B 49 -8.37 50.36 -15.86
C LEU B 49 -6.92 50.23 -16.28
N ARG B 50 -6.56 49.07 -16.83
CA ARG B 50 -5.19 48.85 -17.29
C ARG B 50 -4.86 49.76 -18.49
N SER B 51 -5.82 49.97 -19.38
CA SER B 51 -5.57 50.85 -20.51
C SER B 51 -5.52 52.30 -20.05
N GLU B 52 -6.48 52.72 -19.24
CA GLU B 52 -6.51 54.10 -18.77
C GLU B 52 -5.20 54.44 -18.06
N ARG B 53 -4.69 53.50 -17.27
CA ARG B 53 -3.45 53.69 -16.53
C ARG B 53 -2.25 53.89 -17.47
N ASN B 54 -2.05 52.96 -18.40
CA ASN B 54 -0.94 53.06 -19.33
C ASN B 54 -1.03 54.27 -20.20
N LYS B 55 -2.26 54.69 -20.48
CA LYS B 55 -2.53 55.86 -21.29
C LYS B 55 -2.01 57.10 -20.54
N LEU B 56 -2.39 57.23 -19.29
CA LEU B 56 -1.98 58.36 -18.45
C LEU B 56 -0.49 58.37 -18.10
N SER B 57 0.04 57.21 -17.71
CA SER B 57 1.45 57.11 -17.35
C SER B 57 2.28 57.54 -18.54
N LYS B 58 1.77 57.27 -19.73
CA LYS B 58 2.47 57.64 -20.95
C LYS B 58 2.33 59.15 -21.07
N GLU B 59 1.17 59.65 -20.64
CA GLU B 59 0.82 61.07 -20.68
C GLU B 59 1.58 61.92 -19.66
N ILE B 60 1.95 61.32 -18.54
CA ILE B 60 2.69 62.08 -17.53
C ILE B 60 4.17 61.91 -17.77
N GLY B 61 4.51 61.16 -18.81
CA GLY B 61 5.91 60.91 -19.15
C GLY B 61 6.40 61.83 -20.25
N LYS B 62 5.50 62.16 -21.17
CA LYS B 62 5.86 63.05 -22.28
C LYS B 62 5.65 64.47 -21.75
N LEU B 63 4.94 64.55 -20.63
CA LEU B 63 4.65 65.81 -19.97
C LEU B 63 5.75 66.15 -18.98
N LYS B 64 6.69 65.23 -18.77
CA LYS B 64 7.79 65.47 -17.85
C LYS B 64 8.64 66.55 -18.50
N ARG B 65 8.40 66.76 -19.79
CA ARG B 65 9.09 67.77 -20.57
C ARG B 65 8.42 69.12 -20.29
N GLU B 66 8.54 69.58 -19.05
CA GLU B 66 7.95 70.85 -18.60
C GLU B 66 6.43 70.84 -18.61
N GLY B 67 5.85 70.79 -17.42
CA GLY B 67 4.41 70.77 -17.24
C GLY B 67 4.19 70.44 -15.78
N LYS B 68 3.09 70.86 -15.19
CA LYS B 68 2.86 70.58 -13.78
C LYS B 68 1.59 69.75 -13.57
N ASP B 69 0.96 69.37 -14.68
CA ASP B 69 -0.26 68.58 -14.64
C ASP B 69 -0.05 67.28 -13.86
N THR B 70 1.21 66.90 -13.73
CA THR B 70 1.59 65.67 -13.03
C THR B 70 1.22 65.66 -11.54
N THR B 71 -0.05 65.94 -11.25
CA THR B 71 -0.57 65.96 -9.88
C THR B 71 -2.03 65.54 -9.95
N GLU B 72 -2.82 66.30 -10.70
CA GLU B 72 -4.24 66.01 -10.85
C GLU B 72 -4.37 64.76 -11.70
N ILE B 73 -3.29 64.38 -12.35
CA ILE B 73 -3.30 63.20 -13.18
C ILE B 73 -2.50 62.10 -12.52
N GLN B 74 -1.40 62.46 -11.85
CA GLN B 74 -0.58 61.47 -11.18
C GLN B 74 -1.35 60.98 -9.97
N ASN B 75 -2.58 61.45 -9.84
CA ASN B 75 -3.45 61.06 -8.76
C ASN B 75 -4.53 60.18 -9.38
N ARG B 76 -4.92 60.55 -10.60
CA ARG B 76 -5.92 59.80 -11.33
C ARG B 76 -5.30 58.45 -11.66
N VAL B 77 -3.97 58.39 -11.65
CA VAL B 77 -3.25 57.14 -11.93
C VAL B 77 -3.09 56.32 -10.66
N LYS B 78 -2.72 56.97 -9.56
CA LYS B 78 -2.54 56.28 -8.28
C LYS B 78 -3.88 55.78 -7.78
N GLU B 79 -4.92 56.58 -7.99
CA GLU B 79 -6.27 56.23 -7.58
C GLU B 79 -6.72 55.03 -8.42
N LEU B 80 -6.24 55.00 -9.66
CA LEU B 80 -6.57 53.95 -10.62
C LEU B 80 -5.80 52.65 -10.37
N LYS B 81 -4.53 52.79 -10.07
CA LYS B 81 -3.64 51.66 -9.79
C LYS B 81 -4.10 51.02 -8.48
N GLU B 82 -4.70 51.87 -7.66
CA GLU B 82 -5.21 51.52 -6.35
C GLU B 82 -6.40 50.58 -6.48
N GLU B 83 -7.08 50.65 -7.61
CA GLU B 83 -8.25 49.81 -7.84
C GLU B 83 -7.96 48.55 -8.62
N ILE B 84 -6.96 48.57 -9.50
CA ILE B 84 -6.68 47.36 -10.27
C ILE B 84 -6.24 46.24 -9.34
N ASP B 85 -5.49 46.59 -8.29
CA ASP B 85 -4.99 45.60 -7.31
C ASP B 85 -6.19 45.03 -6.58
N ARG B 86 -7.03 45.93 -6.10
CA ARG B 86 -8.24 45.55 -5.38
C ARG B 86 -8.96 44.46 -6.18
N LEU B 87 -9.07 44.65 -7.49
CA LEU B 87 -9.75 43.70 -8.36
C LEU B 87 -8.99 42.42 -8.67
N GLU B 88 -7.68 42.52 -8.89
CA GLU B 88 -6.90 41.33 -9.19
C GLU B 88 -6.93 40.43 -7.98
N GLU B 89 -6.94 41.05 -6.79
CA GLU B 89 -6.96 40.32 -5.53
C GLU B 89 -8.33 39.76 -5.12
N GLU B 90 -9.33 39.89 -5.99
CA GLU B 90 -10.68 39.38 -5.70
C GLU B 90 -11.09 38.50 -6.86
N LEU B 91 -10.40 38.68 -7.97
CA LEU B 91 -10.66 37.87 -9.14
C LEU B 91 -10.04 36.54 -8.73
N ARG B 92 -8.90 36.64 -8.05
CA ARG B 92 -8.19 35.46 -7.60
C ARG B 92 -9.11 34.63 -6.71
N LYS B 93 -9.68 35.25 -5.68
CA LYS B 93 -10.59 34.56 -4.76
C LYS B 93 -11.76 34.00 -5.54
N VAL B 94 -12.23 34.78 -6.51
CA VAL B 94 -13.34 34.41 -7.37
C VAL B 94 -13.06 33.18 -8.20
N GLU B 95 -11.89 33.17 -8.82
CA GLU B 95 -11.47 32.06 -9.67
C GLU B 95 -11.12 30.77 -8.94
N GLU B 96 -10.71 30.87 -7.68
CA GLU B 96 -10.40 29.69 -6.88
C GLU B 96 -11.75 29.00 -6.69
N GLU B 97 -12.67 29.75 -6.09
CA GLU B 97 -14.03 29.27 -5.81
C GLU B 97 -14.70 28.68 -7.04
N LEU B 98 -14.34 29.22 -8.21
CA LEU B 98 -14.89 28.77 -9.49
C LEU B 98 -14.31 27.44 -9.95
N LYS B 99 -13.01 27.24 -9.80
CA LYS B 99 -12.42 26.00 -10.27
C LYS B 99 -12.67 24.82 -9.34
N ASN B 100 -12.87 25.07 -8.07
CA ASN B 100 -13.13 23.95 -7.18
C ASN B 100 -14.60 23.57 -7.32
N THR B 101 -15.44 24.56 -7.57
CA THR B 101 -16.86 24.31 -7.75
C THR B 101 -17.03 23.33 -8.90
N LEU B 102 -16.33 23.60 -9.99
CA LEU B 102 -16.39 22.76 -11.17
C LEU B 102 -15.90 21.36 -10.88
N LEU B 103 -14.90 21.24 -10.03
CA LEU B 103 -14.34 19.93 -9.69
C LEU B 103 -15.30 19.06 -8.90
N TRP B 104 -16.44 19.63 -8.52
CA TRP B 104 -17.45 18.90 -7.77
C TRP B 104 -18.60 18.37 -8.63
N ILE B 105 -18.76 18.87 -9.85
CA ILE B 105 -19.86 18.39 -10.66
C ILE B 105 -19.53 17.06 -11.36
N PRO B 106 -20.46 16.09 -11.32
CA PRO B 106 -20.25 14.78 -11.94
C PRO B 106 -20.35 14.85 -13.45
N ASN B 107 -19.86 13.81 -14.11
CA ASN B 107 -19.92 13.73 -15.57
C ASN B 107 -21.41 13.73 -16.01
N LEU B 108 -21.68 14.20 -17.23
CA LEU B 108 -23.02 14.20 -17.76
C LEU B 108 -23.32 12.80 -18.27
N PRO B 109 -24.43 12.19 -17.84
CA PRO B 109 -24.74 10.85 -18.32
C PRO B 109 -25.03 10.89 -19.82
N HIS B 110 -24.69 9.82 -20.52
CA HIS B 110 -24.94 9.72 -21.94
C HIS B 110 -26.44 9.46 -22.14
N PRO B 111 -27.07 10.11 -23.12
CA PRO B 111 -28.51 9.90 -23.34
C PRO B 111 -28.85 8.42 -23.17
N SER B 112 -28.16 7.60 -23.95
CA SER B 112 -28.34 6.16 -23.94
C SER B 112 -28.68 5.58 -22.56
N VAL B 113 -28.11 6.16 -21.53
CA VAL B 113 -28.31 5.68 -20.16
C VAL B 113 -29.75 5.76 -19.72
N PRO B 114 -30.25 4.69 -19.10
CA PRO B 114 -31.62 4.54 -18.57
C PRO B 114 -31.75 5.48 -17.39
N VAL B 115 -32.95 6.03 -17.18
CA VAL B 115 -33.13 6.91 -16.04
C VAL B 115 -33.72 6.15 -14.86
N GLY B 116 -33.24 6.46 -13.67
CA GLY B 116 -33.71 5.80 -12.47
C GLY B 116 -33.06 6.38 -11.24
N GLU B 117 -33.66 6.19 -10.08
CA GLU B 117 -33.12 6.72 -8.81
C GLU B 117 -32.25 5.74 -8.04
N ASP B 118 -32.46 4.44 -8.29
CA ASP B 118 -31.73 3.39 -7.57
C ASP B 118 -31.13 2.27 -8.41
N GLU B 119 -30.37 1.43 -7.73
CA GLU B 119 -29.72 0.26 -8.30
C GLU B 119 -30.77 -0.78 -8.73
N LYS B 120 -31.99 -0.65 -8.20
CA LYS B 120 -33.04 -1.59 -8.59
C LYS B 120 -33.69 -1.15 -9.91
N ASP B 121 -33.32 0.02 -10.41
CA ASP B 121 -33.85 0.50 -11.69
C ASP B 121 -32.70 0.48 -12.74
N ASN B 122 -31.76 -0.43 -12.52
CA ASN B 122 -30.63 -0.66 -13.42
C ASN B 122 -31.18 -1.81 -14.26
N VAL B 123 -30.93 -1.84 -15.57
CA VAL B 123 -31.51 -2.93 -16.36
C VAL B 123 -30.57 -3.99 -16.95
N GLU B 124 -30.96 -5.25 -16.80
CA GLU B 124 -30.19 -6.38 -17.32
C GLU B 124 -30.06 -6.35 -18.85
N VAL B 125 -28.84 -6.53 -19.37
CA VAL B 125 -28.63 -6.50 -20.82
C VAL B 125 -28.24 -7.83 -21.47
N ARG B 126 -27.95 -8.85 -20.66
CA ARG B 126 -27.62 -10.21 -21.11
C ARG B 126 -27.05 -11.10 -20.01
N ARG B 127 -27.02 -12.40 -20.25
CA ARG B 127 -26.50 -13.36 -19.29
C ARG B 127 -25.54 -14.30 -19.98
N TRP B 128 -25.04 -15.25 -19.20
CA TRP B 128 -24.15 -16.27 -19.70
C TRP B 128 -24.07 -17.33 -18.62
N GLY B 129 -24.09 -18.60 -19.04
CA GLY B 129 -24.03 -19.70 -18.09
C GLY B 129 -25.26 -19.84 -17.20
N GLU B 130 -25.52 -21.06 -16.76
CA GLU B 130 -26.65 -21.34 -15.90
C GLU B 130 -26.18 -21.75 -14.52
N PRO B 131 -26.69 -21.08 -13.50
CA PRO B 131 -26.34 -21.38 -12.11
C PRO B 131 -26.48 -22.83 -11.69
N ARG B 132 -25.36 -23.45 -11.36
CA ARG B 132 -25.31 -24.84 -10.92
C ARG B 132 -26.37 -25.05 -9.85
N LYS B 133 -27.08 -26.18 -9.93
CA LYS B 133 -28.09 -26.49 -8.93
C LYS B 133 -27.43 -27.47 -7.98
N PHE B 134 -27.72 -27.35 -6.68
CA PHE B 134 -27.09 -28.26 -5.74
C PHE B 134 -27.95 -29.36 -5.14
N ASP B 135 -27.28 -30.48 -4.82
CA ASP B 135 -27.89 -31.67 -4.20
C ASP B 135 -27.84 -31.47 -2.71
N PHE B 136 -27.07 -30.47 -2.30
CA PHE B 136 -26.89 -30.18 -0.90
C PHE B 136 -26.84 -28.68 -0.74
N GLU B 137 -27.15 -28.19 0.45
CA GLU B 137 -27.13 -26.76 0.68
C GLU B 137 -25.70 -26.31 0.41
N PRO B 138 -25.52 -25.37 -0.53
CA PRO B 138 -24.16 -24.91 -0.83
C PRO B 138 -23.69 -24.05 0.34
N LYS B 139 -22.41 -24.12 0.65
CA LYS B 139 -21.93 -23.34 1.77
C LYS B 139 -21.26 -22.05 1.32
N PRO B 140 -21.36 -20.99 2.15
CA PRO B 140 -20.77 -19.70 1.83
C PRO B 140 -19.25 -19.83 1.71
N HIS B 141 -18.63 -18.90 1.00
CA HIS B 141 -17.19 -18.95 0.79
C HIS B 141 -16.32 -18.79 2.04
N TRP B 142 -16.77 -18.03 3.01
CA TRP B 142 -15.94 -17.87 4.21
C TRP B 142 -15.92 -19.16 5.00
N GLU B 143 -17.06 -19.83 5.01
CA GLU B 143 -17.22 -21.09 5.73
C GLU B 143 -16.34 -22.15 5.10
N ILE B 144 -16.40 -22.24 3.77
CA ILE B 144 -15.61 -23.22 3.03
C ILE B 144 -14.13 -22.94 3.18
N GLY B 145 -13.78 -21.66 3.10
CA GLY B 145 -12.39 -21.24 3.20
C GLY B 145 -11.72 -21.47 4.53
N GLU B 146 -12.43 -21.19 5.62
CA GLU B 146 -11.87 -21.39 6.96
C GLU B 146 -11.68 -22.86 7.24
N ARG B 147 -12.62 -23.65 6.70
CA ARG B 147 -12.61 -25.09 6.84
C ARG B 147 -11.39 -25.64 6.10
N LEU B 148 -11.08 -24.98 5.00
CA LEU B 148 -9.94 -25.38 4.20
C LEU B 148 -8.63 -24.69 4.66
N GLY B 149 -8.74 -23.80 5.64
CA GLY B 149 -7.58 -23.09 6.15
C GLY B 149 -6.97 -22.13 5.13
N ILE B 150 -7.77 -21.62 4.22
CA ILE B 150 -7.26 -20.70 3.21
C ILE B 150 -7.68 -19.24 3.44
N LEU B 151 -8.66 -19.04 4.31
CA LEU B 151 -9.11 -17.71 4.67
C LEU B 151 -9.03 -17.63 6.19
N ASP B 152 -8.20 -16.73 6.68
CA ASP B 152 -8.04 -16.57 8.11
C ASP B 152 -8.62 -15.19 8.42
N PHE B 153 -9.86 -15.20 8.87
CA PHE B 153 -10.54 -13.98 9.22
C PHE B 153 -10.10 -13.57 10.59
N LYS B 154 -9.91 -14.54 11.47
CA LYS B 154 -9.49 -14.23 12.83
C LYS B 154 -8.15 -13.49 12.82
N ARG B 155 -7.16 -14.06 12.15
CA ARG B 155 -5.85 -13.41 12.07
C ARG B 155 -5.82 -12.10 11.28
N GLY B 156 -6.62 -12.00 10.24
CA GLY B 156 -6.62 -10.77 9.49
C GLY B 156 -7.05 -9.65 10.42
N ALA B 157 -7.92 -9.99 11.35
CA ALA B 157 -8.41 -8.99 12.29
C ALA B 157 -7.36 -8.72 13.35
N LYS B 158 -6.70 -9.78 13.79
CA LYS B 158 -5.66 -9.63 14.82
C LYS B 158 -4.61 -8.69 14.29
N LEU B 159 -4.40 -8.74 13.00
CA LEU B 159 -3.40 -7.93 12.34
C LEU B 159 -3.83 -6.52 12.01
N SER B 160 -4.97 -6.40 11.37
CA SER B 160 -5.37 -5.08 10.94
C SER B 160 -6.78 -4.61 11.24
N GLY B 161 -7.54 -5.43 11.98
CA GLY B 161 -8.89 -5.03 12.30
C GLY B 161 -9.89 -5.68 11.36
N SER B 162 -11.13 -5.26 11.43
CA SER B 162 -12.18 -5.82 10.59
C SER B 162 -11.94 -5.51 9.11
N ARG B 163 -12.59 -6.30 8.25
CA ARG B 163 -12.51 -6.20 6.80
C ARG B 163 -11.10 -6.36 6.29
N PHE B 164 -10.33 -7.15 7.02
CA PHE B 164 -8.96 -7.47 6.65
C PHE B 164 -8.85 -8.97 6.85
N THR B 165 -8.53 -9.68 5.78
CA THR B 165 -8.46 -11.13 5.86
C THR B 165 -7.24 -11.71 5.14
N VAL B 166 -6.51 -12.60 5.81
CA VAL B 166 -5.33 -13.20 5.20
C VAL B 166 -5.73 -14.43 4.43
N ILE B 167 -5.15 -14.62 3.25
CA ILE B 167 -5.43 -15.77 2.40
C ILE B 167 -4.20 -16.65 2.56
N ALA B 168 -4.39 -17.93 2.79
CA ALA B 168 -3.23 -18.79 2.95
C ALA B 168 -3.16 -20.05 2.07
N GLY B 169 -1.94 -20.56 1.89
CA GLY B 169 -1.71 -21.77 1.12
C GLY B 169 -2.36 -21.82 -0.24
N TRP B 170 -3.18 -22.86 -0.46
CA TRP B 170 -3.86 -23.04 -1.73
C TRP B 170 -4.68 -21.81 -2.04
N GLY B 171 -5.24 -21.21 -0.99
CA GLY B 171 -6.01 -20.01 -1.16
C GLY B 171 -5.12 -18.97 -1.80
N ALA B 172 -3.97 -18.76 -1.19
CA ALA B 172 -3.02 -17.80 -1.71
C ALA B 172 -2.50 -18.21 -3.08
N ARG B 173 -2.11 -19.48 -3.21
CA ARG B 173 -1.56 -19.98 -4.48
C ARG B 173 -2.60 -19.87 -5.60
N LEU B 174 -3.87 -19.97 -5.21
CA LEU B 174 -4.98 -19.85 -6.17
C LEU B 174 -5.18 -18.39 -6.57
N GLU B 175 -5.14 -17.48 -5.59
CA GLU B 175 -5.31 -16.04 -5.83
C GLU B 175 -4.27 -15.49 -6.78
N ARG B 176 -3.04 -15.94 -6.59
CA ARG B 176 -1.93 -15.55 -7.45
C ARG B 176 -2.26 -16.03 -8.84
N ALA B 177 -2.61 -17.30 -8.92
CA ALA B 177 -2.98 -17.96 -10.17
C ALA B 177 -3.94 -17.06 -10.90
N LEU B 178 -5.04 -16.75 -10.22
CA LEU B 178 -6.06 -15.87 -10.75
C LEU B 178 -5.45 -14.64 -11.42
N ILE B 179 -4.65 -13.89 -10.66
CA ILE B 179 -4.00 -12.66 -11.15
C ILE B 179 -3.17 -12.93 -12.40
N ASN B 180 -2.45 -14.04 -12.42
CA ASN B 180 -1.64 -14.39 -13.59
C ASN B 180 -2.55 -14.73 -14.76
N PHE B 181 -3.46 -15.65 -14.54
CA PHE B 181 -4.39 -16.05 -15.58
C PHE B 181 -4.98 -14.79 -16.23
N MSE B 182 -5.49 -13.87 -15.42
CA MSE B 182 -6.09 -12.62 -15.92
C MSE B 182 -5.12 -11.70 -16.66
O MSE B 182 -5.46 -11.17 -17.72
CB MSE B 182 -6.76 -11.85 -14.77
CG MSE B 182 -7.88 -12.63 -14.08
SE MSE B 182 -8.39 -12.04 -12.28
CE MSE B 182 -8.59 -10.21 -12.65
N LEU B 183 -3.93 -11.47 -16.14
CA LEU B 183 -3.01 -10.59 -16.83
C LEU B 183 -2.53 -11.21 -18.14
N ASP B 184 -2.40 -12.53 -18.15
CA ASP B 184 -1.98 -13.23 -19.35
C ASP B 184 -3.00 -13.08 -20.46
N LEU B 185 -4.26 -13.27 -20.11
CA LEU B 185 -5.36 -13.15 -21.05
C LEU B 185 -5.36 -11.78 -21.69
N HIS B 186 -5.40 -10.75 -20.85
CA HIS B 186 -5.44 -9.36 -21.28
C HIS B 186 -4.21 -8.92 -22.04
N THR B 187 -3.06 -9.39 -21.60
CA THR B 187 -1.81 -9.01 -22.24
C THR B 187 -1.82 -9.55 -23.65
N LYS B 188 -2.31 -10.80 -23.77
CA LYS B 188 -2.40 -11.51 -25.04
C LYS B 188 -3.30 -10.72 -25.97
N LYS B 189 -4.31 -10.10 -25.36
CA LYS B 189 -5.30 -9.30 -26.05
C LYS B 189 -4.71 -7.99 -26.58
N GLY B 190 -3.60 -7.52 -26.00
CA GLY B 190 -3.00 -6.28 -26.47
C GLY B 190 -2.92 -5.15 -25.45
N TYR B 191 -3.19 -5.46 -24.18
CA TYR B 191 -3.10 -4.45 -23.14
C TYR B 191 -1.65 -4.37 -22.67
N LYS B 192 -1.17 -3.17 -22.31
CA LYS B 192 0.21 -3.01 -21.83
C LYS B 192 0.26 -3.24 -20.34
N GLU B 193 0.95 -4.27 -19.89
CA GLU B 193 1.05 -4.54 -18.48
C GLU B 193 1.89 -3.46 -17.84
N ILE B 194 1.46 -2.99 -16.68
CA ILE B 194 2.25 -1.98 -15.98
C ILE B 194 2.16 -2.18 -14.46
N CYS B 195 3.27 -1.90 -13.77
CA CYS B 195 3.34 -1.98 -12.31
C CYS B 195 3.46 -0.53 -11.87
N PRO B 196 2.39 0.03 -11.32
CA PRO B 196 2.33 1.41 -10.86
C PRO B 196 2.55 1.62 -9.36
N PRO B 197 2.79 2.88 -8.96
CA PRO B 197 2.99 3.13 -7.54
C PRO B 197 1.63 2.96 -6.92
N HIS B 198 1.58 2.62 -5.64
CA HIS B 198 0.31 2.46 -4.97
C HIS B 198 0.04 3.69 -4.13
N LEU B 199 1.09 4.47 -3.91
CA LEU B 199 1.03 5.72 -3.14
C LEU B 199 1.02 6.84 -4.18
N VAL B 200 0.03 7.71 -4.14
CA VAL B 200 -0.04 8.73 -5.17
C VAL B 200 -0.32 10.16 -4.72
N LYS B 201 0.16 11.10 -5.53
CA LYS B 201 0.01 12.52 -5.26
C LYS B 201 -1.48 12.88 -5.46
N PRO B 202 -1.99 13.83 -4.67
CA PRO B 202 -3.40 14.25 -4.78
C PRO B 202 -3.94 14.56 -6.18
N GLU B 203 -3.32 15.49 -6.91
CA GLU B 203 -3.80 15.82 -8.25
C GLU B 203 -4.22 14.59 -9.02
N ILE B 204 -3.45 13.50 -8.90
CA ILE B 204 -3.76 12.27 -9.60
C ILE B 204 -5.18 11.77 -9.27
N LEU B 205 -5.55 11.77 -7.98
CA LEU B 205 -6.89 11.35 -7.58
C LEU B 205 -7.90 12.40 -8.00
N ILE B 206 -7.45 13.64 -8.17
CA ILE B 206 -8.34 14.71 -8.64
C ILE B 206 -8.46 14.39 -10.11
N GLY B 207 -7.40 13.82 -10.63
CA GLY B 207 -7.36 13.48 -12.03
C GLY B 207 -8.50 12.58 -12.45
N THR B 208 -8.72 11.50 -11.72
CA THR B 208 -9.76 10.56 -12.13
C THR B 208 -11.10 10.69 -11.44
N GLY B 209 -11.23 11.71 -10.61
CA GLY B 209 -12.50 11.94 -9.94
C GLY B 209 -12.61 11.64 -8.47
N GLN B 210 -11.84 10.67 -7.98
CA GLN B 210 -11.86 10.26 -6.57
C GLN B 210 -11.82 11.44 -5.62
N LEU B 211 -11.10 12.49 -6.01
CA LEU B 211 -11.03 13.72 -5.21
C LEU B 211 -11.69 14.78 -6.08
N PRO B 212 -12.33 15.80 -5.48
CA PRO B 212 -12.50 16.10 -4.05
C PRO B 212 -13.65 15.42 -3.32
N LYS B 213 -14.70 15.10 -4.05
CA LYS B 213 -15.91 14.52 -3.46
C LYS B 213 -15.74 13.34 -2.48
N PHE B 214 -14.80 12.43 -2.76
CA PHE B 214 -14.64 11.26 -1.92
C PHE B 214 -13.38 11.11 -1.06
N GLU B 215 -12.92 12.22 -0.49
CA GLU B 215 -11.73 12.24 0.36
C GLU B 215 -11.88 11.27 1.54
N GLU B 216 -13.06 11.25 2.16
CA GLU B 216 -13.29 10.41 3.32
C GLU B 216 -13.14 8.93 2.98
N ASP B 217 -13.13 8.63 1.70
CA ASP B 217 -13.04 7.25 1.25
C ASP B 217 -11.66 6.63 1.03
N LEU B 218 -10.65 7.48 0.88
CA LEU B 218 -9.27 7.05 0.62
C LEU B 218 -8.32 7.15 1.82
N TYR B 219 -7.49 6.13 2.03
CA TYR B 219 -6.54 6.18 3.14
C TYR B 219 -5.50 7.23 2.76
N LYS B 220 -5.23 8.14 3.68
CA LYS B 220 -4.25 9.19 3.41
C LYS B 220 -3.06 9.04 4.35
N CYS B 221 -1.87 9.35 3.85
CA CYS B 221 -0.64 9.30 4.65
C CYS B 221 -0.30 10.75 4.93
N GLU B 222 -1.14 11.35 5.79
CA GLU B 222 -1.07 12.76 6.18
C GLU B 222 0.31 13.40 6.22
N ARG B 223 1.30 12.69 6.73
CA ARG B 223 2.65 13.25 6.81
C ARG B 223 3.34 13.50 5.44
N ASP B 224 3.14 12.60 4.48
CA ASP B 224 3.82 12.79 3.19
C ASP B 224 2.89 13.32 2.11
N ASN B 225 1.64 13.59 2.48
CA ASN B 225 0.65 14.08 1.53
C ASN B 225 0.64 13.22 0.24
N LEU B 226 0.23 11.97 0.45
CA LEU B 226 0.10 10.93 -0.56
C LEU B 226 -1.12 10.13 -0.17
N TYR B 227 -1.78 9.53 -1.14
CA TYR B 227 -2.93 8.70 -0.86
C TYR B 227 -2.62 7.28 -1.35
N LEU B 228 -3.24 6.30 -0.68
CA LEU B 228 -3.14 4.91 -1.09
C LEU B 228 -4.16 4.79 -2.23
N ILE B 229 -3.83 4.07 -3.31
CA ILE B 229 -4.78 3.91 -4.42
C ILE B 229 -5.94 2.95 -4.11
N PRO B 230 -7.13 3.28 -4.59
CA PRO B 230 -8.30 2.44 -4.35
C PRO B 230 -8.56 1.52 -5.56
N THR B 231 -7.75 1.70 -6.61
CA THR B 231 -7.84 0.97 -7.88
C THR B 231 -6.72 1.39 -8.82
N ALA B 232 -6.18 0.45 -9.60
CA ALA B 232 -5.11 0.76 -10.56
C ALA B 232 -5.59 1.76 -11.62
N GLU B 233 -6.87 2.07 -11.57
CA GLU B 233 -7.46 3.00 -12.51
C GLU B 233 -6.75 4.33 -12.33
N VAL B 234 -6.57 4.68 -11.07
CA VAL B 234 -5.91 5.91 -10.75
C VAL B 234 -4.50 6.06 -11.38
N PRO B 235 -3.50 5.30 -10.89
CA PRO B 235 -2.19 5.49 -11.53
C PRO B 235 -2.09 5.28 -13.04
N LEU B 236 -2.86 4.34 -13.58
CA LEU B 236 -2.78 4.07 -15.02
C LEU B 236 -3.34 5.17 -15.91
N THR B 237 -4.49 5.70 -15.53
CA THR B 237 -5.15 6.73 -16.30
C THR B 237 -4.30 7.99 -16.28
N ASN B 238 -3.82 8.38 -15.10
CA ASN B 238 -3.00 9.59 -14.95
C ASN B 238 -1.58 9.48 -15.52
N LEU B 239 -1.27 8.34 -16.13
CA LEU B 239 0.06 8.11 -16.69
C LEU B 239 0.49 9.22 -17.67
N TYR B 240 -0.44 9.65 -18.50
CA TYR B 240 -0.16 10.70 -19.48
C TYR B 240 -0.90 11.97 -19.12
N ARG B 241 -0.81 12.39 -17.86
CA ARG B 241 -1.49 13.59 -17.48
C ARG B 241 -0.59 14.73 -17.93
N GLU B 242 -1.19 15.86 -18.28
CA GLU B 242 -0.43 17.01 -18.74
C GLU B 242 0.44 16.64 -19.94
N GLU B 243 -0.13 15.93 -20.90
CA GLU B 243 0.62 15.54 -22.09
C GLU B 243 -0.17 15.80 -23.39
N ILE B 244 0.55 15.85 -24.51
CA ILE B 244 -0.06 16.03 -25.84
C ILE B 244 0.35 14.78 -26.60
N LEU B 245 -0.58 13.84 -26.75
CA LEU B 245 -0.31 12.59 -27.42
C LEU B 245 -0.48 12.62 -28.94
N LYS B 246 0.30 11.78 -29.61
CA LYS B 246 0.27 11.65 -31.05
C LYS B 246 -0.85 10.65 -31.42
N GLU B 247 -1.87 11.14 -32.12
CA GLU B 247 -3.01 10.32 -32.52
C GLU B 247 -2.57 8.97 -33.10
N GLU B 248 -1.39 8.94 -33.72
CA GLU B 248 -0.88 7.70 -34.29
C GLU B 248 -0.82 6.65 -33.19
N ASN B 249 -0.42 7.10 -31.99
CA ASN B 249 -0.30 6.23 -30.83
C ASN B 249 -1.62 5.67 -30.31
N LEU B 250 -2.65 6.51 -30.25
CA LEU B 250 -3.95 6.04 -29.81
C LEU B 250 -4.38 4.85 -30.66
N PRO B 251 -5.13 3.90 -30.08
CA PRO B 251 -5.55 3.95 -28.68
C PRO B 251 -4.43 3.43 -27.77
N ILE B 252 -4.53 3.70 -26.47
CA ILE B 252 -3.53 3.19 -25.53
C ILE B 252 -4.25 2.22 -24.58
N TYR B 253 -3.95 0.94 -24.71
CA TYR B 253 -4.58 -0.07 -23.87
C TYR B 253 -3.54 -0.52 -22.87
N LEU B 254 -3.90 -0.53 -21.60
CA LEU B 254 -2.97 -0.99 -20.57
C LEU B 254 -3.72 -1.71 -19.43
N THR B 255 -3.03 -2.64 -18.77
CA THR B 255 -3.61 -3.39 -17.68
C THR B 255 -2.61 -3.43 -16.53
N ALA B 256 -3.05 -3.89 -15.36
CA ALA B 256 -2.19 -4.00 -14.19
C ALA B 256 -2.89 -4.69 -13.00
N TYR B 257 -2.11 -5.27 -12.09
CA TYR B 257 -2.68 -5.85 -10.86
C TYR B 257 -2.15 -5.03 -9.71
N THR B 258 -3.04 -4.66 -8.79
CA THR B 258 -2.58 -3.90 -7.64
C THR B 258 -3.50 -4.12 -6.49
N PRO B 259 -2.96 -3.97 -5.27
CA PRO B 259 -3.81 -4.15 -4.08
C PRO B 259 -4.67 -2.87 -4.11
N CYS B 260 -5.92 -2.98 -3.73
CA CYS B 260 -6.75 -1.81 -3.73
C CYS B 260 -7.07 -1.53 -2.26
N TYR B 261 -6.98 -0.26 -1.91
CA TYR B 261 -7.21 0.12 -0.55
C TYR B 261 -8.38 1.07 -0.47
N ARG B 262 -9.38 0.68 0.31
CA ARG B 262 -10.56 1.51 0.49
C ARG B 262 -10.98 1.63 1.94
N ARG B 263 -11.24 2.86 2.37
CA ARG B 263 -11.65 3.12 3.75
C ARG B 263 -13.05 2.57 3.98
N GLU B 264 -13.72 2.24 2.88
CA GLU B 264 -15.06 1.65 2.90
C GLU B 264 -15.85 2.19 4.08
N ALA B 265 -15.75 3.50 4.29
CA ALA B 265 -16.45 4.17 5.39
C ALA B 265 -17.97 3.99 5.28
N GLY B 266 -18.47 3.84 4.06
CA GLY B 266 -19.90 3.65 3.85
C GLY B 266 -20.42 2.25 4.15
N ALA B 267 -19.77 1.23 3.59
CA ALA B 267 -20.17 -0.16 3.79
C ALA B 267 -20.28 -0.47 5.27
N TYR B 268 -21.46 -0.22 5.84
CA TYR B 268 -21.66 -0.49 7.26
C TYR B 268 -22.72 -1.58 7.44
N GLY B 269 -22.30 -2.68 8.07
CA GLY B 269 -23.22 -3.79 8.29
C GLY B 269 -23.48 -4.66 7.05
N LYS B 270 -23.22 -4.13 5.86
CA LYS B 270 -23.43 -4.92 4.65
C LYS B 270 -22.16 -5.72 4.32
N ASP B 271 -22.36 -6.97 3.90
CA ASP B 271 -21.27 -7.89 3.54
C ASP B 271 -20.27 -7.92 4.66
N ILE B 272 -20.72 -8.25 5.86
CA ILE B 272 -19.80 -8.24 6.98
C ILE B 272 -19.03 -9.51 7.23
N ARG B 273 -19.39 -10.60 6.53
CA ARG B 273 -18.73 -11.89 6.80
C ARG B 273 -17.79 -12.61 5.80
N GLY B 274 -17.65 -12.12 4.57
CA GLY B 274 -16.75 -12.82 3.67
C GLY B 274 -15.56 -11.96 3.29
N ILE B 275 -15.29 -11.86 1.98
CA ILE B 275 -14.22 -11.03 1.48
C ILE B 275 -14.71 -10.24 0.30
N ILE B 276 -16.04 -10.04 0.20
CA ILE B 276 -16.64 -9.29 -0.92
C ILE B 276 -16.50 -7.75 -0.73
N ARG B 277 -16.31 -7.33 0.52
CA ARG B 277 -16.14 -5.91 0.88
C ARG B 277 -14.99 -5.89 1.90
N GLN B 278 -13.81 -5.49 1.45
CA GLN B 278 -12.63 -5.47 2.31
C GLN B 278 -11.88 -4.17 2.15
N HIS B 279 -10.98 -3.87 3.09
CA HIS B 279 -10.18 -2.65 3.04
C HIS B 279 -9.00 -2.84 2.10
N GLN B 280 -8.76 -4.09 1.75
CA GLN B 280 -7.68 -4.39 0.85
C GLN B 280 -8.10 -5.56 -0.03
N PHE B 281 -7.97 -5.39 -1.33
CA PHE B 281 -8.34 -6.45 -2.24
C PHE B 281 -7.58 -6.41 -3.53
N ASP B 282 -7.36 -7.57 -4.11
CA ASP B 282 -6.62 -7.61 -5.34
C ASP B 282 -7.59 -7.37 -6.50
N LYS B 283 -7.09 -6.72 -7.54
CA LYS B 283 -7.91 -6.41 -8.72
C LYS B 283 -7.06 -6.16 -9.94
N VAL B 284 -7.40 -6.80 -11.04
CA VAL B 284 -6.66 -6.59 -12.27
C VAL B 284 -7.54 -5.65 -13.05
N GLU B 285 -7.12 -4.40 -13.14
CA GLU B 285 -7.87 -3.37 -13.83
C GLU B 285 -7.60 -3.41 -15.33
N LEU B 286 -8.40 -2.64 -16.08
CA LEU B 286 -8.25 -2.55 -17.53
C LEU B 286 -8.57 -1.11 -17.84
N VAL B 287 -7.61 -0.42 -18.45
CA VAL B 287 -7.76 0.99 -18.78
C VAL B 287 -7.50 1.28 -20.24
N LYS B 288 -8.32 2.17 -20.81
CA LYS B 288 -8.18 2.55 -22.20
C LYS B 288 -8.09 4.07 -22.37
N ILE B 289 -7.17 4.50 -23.23
CA ILE B 289 -7.00 5.91 -23.56
C ILE B 289 -7.21 5.94 -25.05
N VAL B 290 -8.42 6.31 -25.45
CA VAL B 290 -8.80 6.30 -26.86
C VAL B 290 -9.15 7.66 -27.46
N HIS B 291 -9.43 7.60 -28.77
CA HIS B 291 -9.84 8.76 -29.56
C HIS B 291 -11.35 8.88 -29.41
N PRO B 292 -11.84 10.09 -29.08
CA PRO B 292 -13.28 10.35 -28.89
C PRO B 292 -14.26 9.55 -29.76
N ASP B 293 -14.05 9.50 -31.07
CA ASP B 293 -14.97 8.77 -31.93
C ASP B 293 -15.16 7.30 -31.60
N THR B 294 -14.13 6.67 -31.04
CA THR B 294 -14.17 5.25 -30.72
C THR B 294 -14.56 4.87 -29.30
N SER B 295 -14.68 5.90 -28.45
CA SER B 295 -15.05 5.75 -27.05
C SER B 295 -16.06 4.65 -26.73
N TYR B 296 -17.31 4.82 -27.12
CA TYR B 296 -18.32 3.81 -26.80
C TYR B 296 -18.12 2.42 -27.42
N ASP B 297 -17.47 2.32 -28.56
CA ASP B 297 -17.26 0.98 -29.10
C ASP B 297 -16.26 0.32 -28.18
N GLU B 298 -15.25 1.08 -27.78
CA GLU B 298 -14.20 0.59 -26.88
C GLU B 298 -14.82 0.11 -25.58
N LEU B 299 -15.89 0.78 -25.17
CA LEU B 299 -16.55 0.39 -23.94
C LEU B 299 -17.09 -1.00 -24.15
N GLU B 300 -17.89 -1.21 -25.20
CA GLU B 300 -18.45 -2.55 -25.49
C GLU B 300 -17.37 -3.59 -25.46
N LYS B 301 -16.31 -3.36 -26.24
CA LYS B 301 -15.20 -4.28 -26.29
C LYS B 301 -14.64 -4.54 -24.90
N LEU B 302 -14.50 -3.47 -24.11
CA LEU B 302 -13.96 -3.57 -22.75
C LEU B 302 -14.74 -4.57 -21.91
N VAL B 303 -16.06 -4.46 -21.96
CA VAL B 303 -16.87 -5.38 -21.19
C VAL B 303 -16.74 -6.82 -21.68
N LYS B 304 -16.51 -6.98 -22.99
CA LYS B 304 -16.36 -8.32 -23.55
C LYS B 304 -15.05 -8.91 -23.06
N ASP B 305 -14.03 -8.06 -23.03
CA ASP B 305 -12.68 -8.40 -22.57
C ASP B 305 -12.72 -8.88 -21.14
N ALA B 306 -13.59 -8.25 -20.37
CA ALA B 306 -13.77 -8.58 -18.98
C ALA B 306 -14.54 -9.90 -18.93
N GLU B 307 -15.68 -9.95 -19.61
CA GLU B 307 -16.54 -11.14 -19.63
C GLU B 307 -15.74 -12.41 -19.93
N GLU B 308 -14.90 -12.31 -20.96
CA GLU B 308 -14.05 -13.40 -21.38
C GLU B 308 -13.48 -14.15 -20.15
N VAL B 309 -12.96 -13.39 -19.18
CA VAL B 309 -12.40 -13.96 -17.96
C VAL B 309 -13.37 -14.97 -17.31
N LEU B 310 -14.56 -14.47 -16.96
CA LEU B 310 -15.59 -15.26 -16.31
C LEU B 310 -16.06 -16.53 -17.04
N GLN B 311 -15.96 -16.51 -18.36
CA GLN B 311 -16.37 -17.64 -19.17
C GLN B 311 -15.30 -18.72 -19.13
N LEU B 312 -14.06 -18.35 -19.45
CA LEU B 312 -12.97 -19.32 -19.41
C LEU B 312 -12.96 -19.98 -18.04
N LEU B 313 -13.36 -19.20 -17.02
CA LEU B 313 -13.42 -19.67 -15.62
C LEU B 313 -14.62 -20.58 -15.32
N GLY B 314 -15.67 -20.51 -16.13
CA GLY B 314 -16.83 -21.36 -15.90
C GLY B 314 -17.77 -20.79 -14.85
N LEU B 315 -17.80 -19.46 -14.77
CA LEU B 315 -18.64 -18.77 -13.79
C LEU B 315 -19.84 -18.06 -14.39
N PRO B 316 -21.05 -18.57 -14.10
CA PRO B 316 -22.31 -18.00 -14.57
C PRO B 316 -22.39 -16.50 -14.21
N TYR B 317 -22.78 -15.66 -15.16
CA TYR B 317 -22.82 -14.25 -14.88
C TYR B 317 -23.89 -13.52 -15.70
N ARG B 318 -24.17 -12.27 -15.30
CA ARG B 318 -25.15 -11.42 -15.96
C ARG B 318 -24.60 -10.00 -16.00
N VAL B 319 -24.93 -9.26 -17.06
CA VAL B 319 -24.47 -7.90 -17.25
C VAL B 319 -25.59 -6.91 -17.02
N VAL B 320 -25.27 -5.75 -16.46
CA VAL B 320 -26.30 -4.74 -16.23
C VAL B 320 -25.76 -3.31 -16.45
N GLU B 321 -26.54 -2.49 -17.17
CA GLU B 321 -26.16 -1.10 -17.43
C GLU B 321 -26.75 -0.32 -16.26
N LEU B 322 -25.93 0.48 -15.61
CA LEU B 322 -26.39 1.26 -14.45
C LEU B 322 -27.18 2.51 -14.83
N CYS B 323 -28.27 2.76 -14.11
CA CYS B 323 -29.11 3.91 -14.37
C CYS B 323 -28.45 5.19 -13.84
N THR B 324 -28.77 6.33 -14.43
CA THR B 324 -28.16 7.60 -13.99
C THR B 324 -28.12 7.79 -12.49
N GLY B 325 -29.13 7.32 -11.78
CA GLY B 325 -29.13 7.51 -10.34
C GLY B 325 -28.05 6.75 -9.61
N ASP B 326 -27.45 5.78 -10.30
CA ASP B 326 -26.41 4.92 -9.74
C ASP B 326 -25.05 5.00 -10.44
N LEU B 327 -25.02 5.72 -11.55
CA LEU B 327 -23.83 5.89 -12.40
C LEU B 327 -22.39 5.96 -11.83
N GLY B 328 -22.12 6.79 -10.83
CA GLY B 328 -20.75 6.85 -10.33
C GLY B 328 -20.10 8.13 -10.84
N PHE B 329 -19.72 9.01 -9.90
CA PHE B 329 -19.16 10.33 -10.21
C PHE B 329 -18.46 10.62 -11.54
N SER B 330 -17.56 9.74 -11.99
CA SER B 330 -16.85 10.02 -13.23
C SER B 330 -17.34 9.31 -14.50
N ALA B 331 -18.27 8.39 -14.34
CA ALA B 331 -18.80 7.61 -15.47
C ALA B 331 -19.78 8.42 -16.30
N ALA B 332 -19.87 8.08 -17.58
CA ALA B 332 -20.80 8.73 -18.50
C ALA B 332 -21.80 7.66 -18.94
N LYS B 333 -21.37 6.41 -18.79
CA LYS B 333 -22.15 5.22 -19.11
C LYS B 333 -21.38 4.08 -18.49
N THR B 334 -22.08 3.13 -17.88
CA THR B 334 -21.33 2.04 -17.27
C THR B 334 -22.10 0.76 -16.99
N TYR B 335 -21.48 -0.37 -17.36
CA TYR B 335 -22.07 -1.68 -17.13
C TYR B 335 -21.34 -2.39 -16.00
N ASP B 336 -22.05 -3.22 -15.25
CA ASP B 336 -21.46 -3.98 -14.18
C ASP B 336 -21.68 -5.46 -14.48
N ILE B 337 -20.65 -6.26 -14.28
CA ILE B 337 -20.75 -7.67 -14.52
C ILE B 337 -20.97 -8.21 -13.12
N GLU B 338 -21.97 -9.06 -12.95
CA GLU B 338 -22.28 -9.62 -11.64
C GLU B 338 -22.26 -11.13 -11.69
N VAL B 339 -21.35 -11.74 -10.93
CA VAL B 339 -21.22 -13.19 -10.92
C VAL B 339 -22.19 -13.84 -9.93
N TRP B 340 -22.50 -15.10 -10.20
CA TRP B 340 -23.42 -15.85 -9.40
C TRP B 340 -22.89 -16.46 -8.11
N PHE B 341 -23.54 -16.12 -7.02
CA PHE B 341 -23.16 -16.64 -5.72
C PHE B 341 -24.21 -17.60 -5.19
N PRO B 342 -23.92 -18.91 -5.26
CA PRO B 342 -24.85 -19.92 -4.76
C PRO B 342 -25.32 -19.59 -3.34
N SER B 343 -24.41 -19.60 -2.38
CA SER B 343 -24.75 -19.32 -0.98
C SER B 343 -25.65 -18.10 -0.78
N GLN B 344 -25.59 -17.13 -1.69
CA GLN B 344 -26.41 -15.95 -1.57
C GLN B 344 -27.65 -16.07 -2.44
N ASN B 345 -27.58 -16.99 -3.40
CA ASN B 345 -28.70 -17.24 -4.30
C ASN B 345 -28.99 -15.95 -5.05
N LYS B 346 -27.92 -15.33 -5.56
CA LYS B 346 -28.02 -14.06 -6.25
C LYS B 346 -26.73 -13.75 -7.03
N TYR B 347 -26.83 -12.79 -7.97
CA TYR B 347 -25.67 -12.36 -8.73
C TYR B 347 -25.09 -11.16 -7.95
N ARG B 348 -23.77 -10.98 -7.99
CA ARG B 348 -23.12 -9.86 -7.29
C ARG B 348 -22.03 -9.17 -8.10
N GLU B 349 -22.01 -7.84 -8.04
CA GLU B 349 -21.02 -7.03 -8.77
C GLU B 349 -19.59 -7.61 -8.68
N ILE B 350 -18.99 -7.88 -9.83
CA ILE B 350 -17.64 -8.39 -9.83
C ILE B 350 -16.84 -7.59 -10.83
N SER B 351 -17.52 -6.71 -11.55
CA SER B 351 -16.82 -5.86 -12.51
C SER B 351 -17.62 -4.61 -12.76
N SER B 352 -16.93 -3.55 -13.16
CA SER B 352 -17.59 -2.27 -13.37
C SER B 352 -16.85 -1.54 -14.46
N CYS B 353 -17.32 -1.72 -15.68
CA CYS B 353 -16.70 -1.11 -16.84
C CYS B 353 -17.49 0.10 -17.31
N SER B 354 -16.82 1.25 -17.25
CA SER B 354 -17.42 2.53 -17.63
C SER B 354 -16.63 3.26 -18.69
N ASN B 355 -17.25 4.33 -19.19
CA ASN B 355 -16.68 5.22 -20.19
C ASN B 355 -16.80 6.62 -19.60
N CYS B 356 -15.73 7.39 -19.64
CA CYS B 356 -15.72 8.75 -19.07
C CYS B 356 -15.59 9.85 -20.11
N GLU B 357 -15.73 9.48 -21.38
CA GLU B 357 -15.60 10.46 -22.46
C GLU B 357 -14.41 11.35 -22.18
N ASP B 358 -14.61 12.66 -22.05
CA ASP B 358 -13.49 13.55 -21.78
C ASP B 358 -13.40 14.09 -20.35
N PHE B 359 -14.33 13.67 -19.50
CA PHE B 359 -14.40 14.08 -18.10
C PHE B 359 -13.06 13.95 -17.38
N GLN B 360 -12.55 12.73 -17.30
CA GLN B 360 -11.28 12.54 -16.62
C GLN B 360 -10.17 13.28 -17.36
N ALA B 361 -10.09 13.07 -18.67
CA ALA B 361 -9.07 13.72 -19.48
C ALA B 361 -9.03 15.25 -19.32
N ARG B 362 -10.17 15.84 -18.98
CA ARG B 362 -10.22 17.29 -18.81
C ARG B 362 -9.60 17.76 -17.50
N ARG B 363 -9.77 17.01 -16.42
CA ARG B 363 -9.19 17.45 -15.15
C ARG B 363 -7.70 17.12 -14.96
N MSE B 364 -7.18 16.24 -15.81
CA MSE B 364 -5.77 15.88 -15.73
C MSE B 364 -5.05 16.48 -16.92
O MSE B 364 -3.83 16.42 -17.01
CB MSE B 364 -5.57 14.37 -15.70
CG MSE B 364 -6.29 13.60 -16.76
SE MSE B 364 -5.87 11.72 -16.54
CE MSE B 364 -7.08 11.31 -15.08
N ASN B 365 -5.83 17.06 -17.82
CA ASN B 365 -5.28 17.71 -19.02
C ASN B 365 -4.51 16.78 -19.98
N THR B 366 -5.18 15.76 -20.48
CA THR B 366 -4.53 14.87 -21.42
C THR B 366 -5.29 15.04 -22.74
N ARG B 367 -4.57 15.42 -23.79
CA ARG B 367 -5.17 15.62 -25.11
C ARG B 367 -4.26 15.12 -26.21
N PHE B 368 -4.60 15.44 -27.46
CA PHE B 368 -3.82 14.99 -28.61
C PHE B 368 -3.99 15.87 -29.85
N LYS B 369 -2.97 15.88 -30.70
CA LYS B 369 -2.98 16.63 -31.95
C LYS B 369 -3.51 15.64 -33.00
N ASP B 370 -4.71 15.88 -33.54
CA ASP B 370 -5.31 14.96 -34.55
C ASP B 370 -4.88 15.19 -36.01
N SER B 371 -4.79 14.11 -36.77
CA SER B 371 -4.37 14.20 -38.17
C SER B 371 -5.21 15.16 -39.02
N LYS B 372 -6.34 15.64 -38.49
CA LYS B 372 -7.19 16.57 -39.23
C LYS B 372 -6.95 18.04 -38.90
N THR B 373 -7.85 18.62 -38.12
CA THR B 373 -7.79 20.03 -37.75
C THR B 373 -6.44 20.54 -37.20
N GLY B 374 -5.57 19.62 -36.77
CA GLY B 374 -4.27 20.03 -36.24
C GLY B 374 -4.32 20.60 -34.84
N LYS B 375 -5.51 20.99 -34.39
CA LYS B 375 -5.74 21.55 -33.06
C LYS B 375 -5.73 20.46 -31.98
N ASN B 376 -5.60 20.85 -30.72
CA ASN B 376 -5.57 19.88 -29.61
C ASN B 376 -6.96 19.57 -29.07
N ARG B 377 -7.25 18.29 -28.90
CA ARG B 377 -8.55 17.85 -28.40
C ARG B 377 -8.41 16.82 -27.27
N PHE B 378 -9.14 17.01 -26.18
CA PHE B 378 -9.06 16.08 -25.07
C PHE B 378 -9.46 14.66 -25.45
N VAL B 379 -8.72 13.68 -24.92
CA VAL B 379 -8.95 12.26 -25.19
C VAL B 379 -10.16 11.73 -24.43
N HIS B 380 -10.44 10.44 -24.58
CA HIS B 380 -11.55 9.81 -23.87
C HIS B 380 -10.95 8.66 -23.11
N THR B 381 -11.39 8.50 -21.87
CA THR B 381 -10.84 7.47 -21.04
C THR B 381 -11.86 6.46 -20.58
N LEU B 382 -11.46 5.21 -20.52
CA LEU B 382 -12.36 4.17 -20.04
C LEU B 382 -11.57 3.23 -19.13
N ASN B 383 -12.29 2.47 -18.32
CA ASN B 383 -11.66 1.54 -17.41
C ASN B 383 -12.71 0.60 -16.84
N GLY B 384 -12.28 -0.59 -16.41
CA GLY B 384 -13.20 -1.55 -15.86
C GLY B 384 -12.47 -2.74 -15.28
N SER B 385 -13.06 -3.36 -14.27
CA SER B 385 -12.42 -4.50 -13.63
C SER B 385 -12.26 -5.74 -14.52
N GLY B 386 -10.99 -6.07 -14.76
CA GLY B 386 -10.62 -7.23 -15.55
C GLY B 386 -10.60 -8.31 -14.51
N LEU B 387 -11.57 -8.13 -13.61
CA LEU B 387 -11.92 -8.95 -12.47
C LEU B 387 -11.25 -8.62 -11.14
N ALA B 388 -12.10 -8.29 -10.17
CA ALA B 388 -11.68 -7.99 -8.83
C ALA B 388 -11.31 -9.37 -8.36
N VAL B 389 -10.03 -9.65 -8.30
CA VAL B 389 -9.56 -10.98 -7.91
C VAL B 389 -10.22 -11.58 -6.65
N GLY B 390 -10.33 -10.78 -5.60
CA GLY B 390 -10.93 -11.25 -4.37
C GLY B 390 -12.31 -11.87 -4.49
N ARG B 391 -13.23 -11.17 -5.17
CA ARG B 391 -14.60 -11.65 -5.38
C ARG B 391 -14.62 -12.85 -6.35
N THR B 392 -13.61 -12.95 -7.20
CA THR B 392 -13.59 -14.07 -8.10
C THR B 392 -13.19 -15.28 -7.27
N LEU B 393 -12.23 -15.11 -6.40
CA LEU B 393 -11.81 -16.23 -5.56
C LEU B 393 -13.04 -16.77 -4.83
N ALA B 394 -13.76 -15.86 -4.17
CA ALA B 394 -14.97 -16.18 -3.43
C ALA B 394 -15.98 -16.90 -4.34
N ALA B 395 -16.13 -16.42 -5.57
CA ALA B 395 -17.06 -17.06 -6.47
C ALA B 395 -16.63 -18.50 -6.80
N ILE B 396 -15.36 -18.72 -7.16
CA ILE B 396 -14.98 -20.08 -7.51
C ILE B 396 -14.99 -21.03 -6.32
N LEU B 397 -14.87 -20.51 -5.11
CA LEU B 397 -14.87 -21.34 -3.92
C LEU B 397 -16.29 -21.84 -3.61
N GLU B 398 -17.30 -21.13 -4.09
CA GLU B 398 -18.69 -21.52 -3.87
C GLU B 398 -19.25 -22.34 -5.03
N ASN B 399 -19.03 -21.84 -6.24
CA ASN B 399 -19.50 -22.50 -7.46
C ASN B 399 -18.81 -23.82 -7.76
N TYR B 400 -17.64 -24.04 -7.17
CA TYR B 400 -16.92 -25.27 -7.42
C TYR B 400 -16.73 -26.11 -6.17
N GLN B 401 -17.57 -25.86 -5.17
CA GLN B 401 -17.50 -26.58 -3.91
C GLN B 401 -18.05 -28.00 -4.00
N GLN B 402 -17.76 -28.78 -2.96
CA GLN B 402 -18.22 -30.15 -2.87
C GLN B 402 -18.67 -30.53 -1.45
N GLU B 403 -19.61 -31.46 -1.38
CA GLU B 403 -20.17 -31.98 -0.15
C GLU B 403 -19.15 -32.04 0.98
N ASP B 404 -18.02 -32.69 0.70
CA ASP B 404 -16.98 -32.85 1.71
C ASP B 404 -16.26 -31.56 2.05
N GLY B 405 -16.47 -30.53 1.25
CA GLY B 405 -15.85 -29.27 1.57
C GLY B 405 -14.71 -28.87 0.68
N SER B 406 -14.19 -29.82 -0.09
CA SER B 406 -13.11 -29.47 -0.99
C SER B 406 -13.72 -28.63 -2.11
N VAL B 407 -12.87 -27.94 -2.85
CA VAL B 407 -13.35 -27.14 -3.97
C VAL B 407 -12.55 -27.53 -5.19
N VAL B 408 -13.26 -27.67 -6.30
CA VAL B 408 -12.64 -28.08 -7.54
C VAL B 408 -11.99 -26.92 -8.29
N VAL B 409 -10.71 -27.07 -8.57
CA VAL B 409 -9.98 -26.05 -9.29
C VAL B 409 -10.53 -25.93 -10.69
N PRO B 410 -10.92 -24.72 -11.11
CA PRO B 410 -11.42 -24.58 -12.48
C PRO B 410 -10.34 -25.00 -13.49
N GLU B 411 -10.77 -25.73 -14.50
CA GLU B 411 -9.90 -26.22 -15.56
C GLU B 411 -8.73 -25.34 -16.06
N VAL B 412 -8.97 -24.05 -16.32
CA VAL B 412 -7.91 -23.18 -16.83
C VAL B 412 -6.91 -22.63 -15.82
N LEU B 413 -7.12 -22.87 -14.54
CA LEU B 413 -6.20 -22.38 -13.52
C LEU B 413 -5.30 -23.49 -12.95
N ARG B 414 -5.58 -24.74 -13.28
CA ARG B 414 -4.80 -25.89 -12.77
C ARG B 414 -3.35 -25.93 -13.26
N ASP B 415 -3.09 -25.35 -14.43
CA ASP B 415 -1.72 -25.31 -14.94
C ASP B 415 -1.00 -24.15 -14.29
N TYR B 416 -1.77 -23.30 -13.61
CA TYR B 416 -1.22 -22.14 -12.91
C TYR B 416 -1.00 -22.52 -11.46
N VAL B 417 -2.06 -23.04 -10.83
CA VAL B 417 -2.02 -23.43 -9.43
C VAL B 417 -1.15 -24.61 -9.10
N GLY B 418 -1.60 -25.79 -9.51
CA GLY B 418 -0.87 -27.01 -9.23
C GLY B 418 -1.87 -28.14 -9.30
N THR B 419 -2.61 -28.38 -8.22
CA THR B 419 -3.61 -29.44 -8.19
C THR B 419 -4.87 -29.13 -8.97
N ASP B 420 -5.74 -30.13 -9.01
CA ASP B 420 -7.02 -30.08 -9.71
C ASP B 420 -8.18 -29.86 -8.74
N VAL B 421 -7.93 -30.15 -7.47
CA VAL B 421 -8.91 -29.96 -6.41
C VAL B 421 -8.16 -29.80 -5.09
N ILE B 422 -8.54 -28.79 -4.30
CA ILE B 422 -7.88 -28.53 -3.02
C ILE B 422 -8.76 -28.99 -1.87
N ARG B 423 -8.42 -30.15 -1.33
CA ARG B 423 -9.15 -30.76 -0.24
C ARG B 423 -8.63 -30.29 1.11
N PRO B 424 -9.41 -30.51 2.17
CA PRO B 424 -9.04 -30.12 3.54
C PRO B 424 -7.55 -30.31 3.90
N GLU B 425 -6.76 -29.24 3.66
CA GLU B 425 -5.31 -29.15 3.92
C GLU B 425 -4.61 -30.26 4.72
N10 SSA C . 12.26 -8.68 6.66
CA SSA C . 13.65 -8.54 6.26
CB SSA C . 14.03 -9.58 5.27
OG SSA C . 13.45 -9.30 4.01
C9 SSA C . 13.98 -7.17 5.66
O9 SSA C . 13.09 -6.38 5.32
N8 SSA C . 15.29 -6.89 5.56
S1 SSA C . 15.79 -5.51 4.90
O1S SSA C . 15.17 -4.49 5.73
O2S SSA C . 17.25 -5.62 4.78
O5' SSA C . 15.12 -5.52 3.48
C5' SSA C . 15.31 -6.63 2.60
C4' SSA C . 15.89 -6.20 1.30
O4' SSA C . 15.03 -5.29 0.60
C3' SSA C . 17.20 -5.44 1.37
O3' SSA C . 18.25 -6.35 1.62
C2' SSA C . 17.27 -4.94 -0.06
O2' SSA C . 17.58 -5.94 -1.01
C1' SSA C . 15.82 -4.49 -0.27
N9 SSA C . 15.50 -3.10 0.08
C8 SSA C . 15.55 -2.45 1.30
N7 SSA C . 15.11 -1.21 1.25
C5 SSA C . 14.74 -1.05 -0.08
C6 SSA C . 14.16 0.05 -0.78
N6 SSA C . 13.84 1.22 -0.21
N1 SSA C . 13.91 -0.11 -2.11
C2 SSA C . 14.22 -1.28 -2.68
N3 SSA C . 14.76 -2.38 -2.11
C4 SSA C . 14.99 -2.19 -0.80
N10 SSA D . -12.01 2.01 -11.01
CA SSA D . -13.20 1.22 -11.33
CB SSA D . -12.90 0.13 -12.33
OG SSA D . -12.09 -0.89 -11.80
C9 SSA D . -13.73 0.60 -10.07
O9 SSA D . -12.96 0.19 -9.21
N8 SSA D . -15.06 0.54 -9.93
S1 SSA D . -15.66 -0.12 -8.60
O1S SSA D . -15.48 0.93 -7.59
O2S SSA D . -17.01 -0.57 -8.93
O5' SSA D . -14.69 -1.29 -8.26
C5' SSA D . -14.54 -2.40 -9.14
C4' SSA D . -14.94 -3.69 -8.48
O4' SSA D . -14.08 -4.00 -7.36
C3' SSA D . -16.34 -3.78 -7.89
O3' SSA D . -17.28 -3.98 -8.92
C2' SSA D . -16.18 -5.04 -7.05
O2' SSA D . -16.16 -6.23 -7.82
C1' SSA D . -14.81 -4.80 -6.42
N9 SSA D . -14.83 -4.05 -5.16
C8 SSA D . -15.22 -2.75 -4.91
N7 SSA D . -15.09 -2.39 -3.66
C5 SSA D . -14.58 -3.52 -3.04
C6 SSA D . -14.20 -3.80 -1.70
N6 SSA D . -14.31 -2.91 -0.71
N1 SSA D . -13.70 -5.04 -1.42
C2 SSA D . -13.61 -5.94 -2.44
N3 SSA D . -13.94 -5.78 -3.72
C4 SSA D . -14.42 -4.55 -3.96
#